data_1AJQ
#
_entry.id   1AJQ
#
_cell.length_a   52.120
_cell.length_b   65.080
_cell.length_c   76.300
_cell.angle_alpha   100.20
_cell.angle_beta   111.44
_cell.angle_gamma   105.81
#
_symmetry.space_group_name_H-M   'P 1'
#
loop_
_entity.id
_entity.type
_entity.pdbx_description
1 polymer 'PENICILLIN AMIDOHYDROLASE'
2 polymer 'PENICILLIN AMIDOHYDROLASE'
3 non-polymer 'CALCIUM ION'
4 non-polymer 'THIOPHENEACETIC ACID'
5 water water
#
loop_
_entity_poly.entity_id
_entity_poly.type
_entity_poly.pdbx_seq_one_letter_code
_entity_poly.pdbx_strand_id
1 'polypeptide(L)'
;EQSSSEIKIVRDEYGMPHIYANDTWHLFYGYGYVVAQDRLFQMEMARRSTQGTVAEVLGKDFVKFDKDIRRNYWPDAIRA
QIAALSPEDMSILQGYADGMNAWIDKVNTNPETLLPKQFNTFGFTPKRWEPFDVAMIFVGTMANRFSDSTSEIDNLALLT
ALKDKYGVSQGMAVFNQLKWLVNPSAPTTIAVQESNYPLKFNQQNSQTA
;
A
2 'polypeptide(L)'
;SNMWVIGKSKAQDAKAIMVNGPQFGWYAPAYTYGIGLHGAGYDVTGNTPFAYPGLVFGHNGVISWGSTAGFGDDVDIFAE
RLSAEKPGYYLHNGKWVKMLSREETITVKNGQAETFTVWRTVHGNILQTDQTTQTAYAKSRAWDGKEVASLLAWTHQMKA
KNWQQWTQQAAKQALTINWYYADVNGNIGYVHTGAYPDRQSGHDPRLPVPGTGKWDWKGLLPFEMNPKVYNPQSGYIANW
NNSPQKDYPASDLFAFLWGGADRVTEIDRLLEQKPRLTADQAWDVIRQTSRQDLNLRLFLPTLQAATSGLTQSDPRRQLV
ETLTRWDGINLLNDDGKTWQQPGSAILNVWLTSMLKRTVVAAVPMPFDKWYSASGYETTQDGPTGSLNISVGAKILYEAV
QGDKSPIPQAVDLFAGKPQQEVVLAALEDTWETLSKRYGNNVSNWKTPAMALTFRANNFFGVPQAAAEETRHQAEYQNRG
TENDMIVFSPTTSDRPVLAWDVVAPGQSGFIAPDGTVDKHYEDQLKMYENFGRKSLWLTKQDVEAHKESQEVLHVQR
;
B
#
loop_
_chem_comp.id
_chem_comp.type
_chem_comp.name
_chem_comp.formula
CA non-polymer 'CALCIUM ION' 'Ca 2'
SPA non-polymer 'THIOPHENEACETIC ACID' 'C6 H6 O2 S'
#
# COMPACT_ATOMS: atom_id res chain seq x y z
N SER A 3 -35.92 -17.93 11.46
CA SER A 3 -35.85 -16.84 12.45
C SER A 3 -35.04 -15.62 11.98
N SER A 4 -35.67 -14.47 12.23
CA SER A 4 -35.04 -13.19 11.97
C SER A 4 -34.11 -12.76 13.10
N SER A 5 -34.26 -13.37 14.29
CA SER A 5 -33.44 -12.98 15.41
C SER A 5 -32.13 -13.75 15.48
N GLU A 6 -32.07 -14.89 14.84
CA GLU A 6 -30.96 -15.83 15.01
C GLU A 6 -29.70 -15.48 14.22
N ILE A 7 -28.54 -15.56 14.87
CA ILE A 7 -27.28 -15.42 14.09
C ILE A 7 -26.47 -16.71 14.36
N LYS A 8 -26.16 -17.44 13.35
CA LYS A 8 -25.38 -18.65 13.52
C LYS A 8 -23.90 -18.33 13.11
N ILE A 9 -22.97 -18.67 13.98
CA ILE A 9 -21.53 -18.48 13.68
C ILE A 9 -20.80 -19.82 13.61
N VAL A 10 -20.35 -20.23 12.45
CA VAL A 10 -19.61 -21.48 12.28
C VAL A 10 -18.10 -21.22 12.03
N ARG A 11 -17.20 -21.78 12.83
CA ARG A 11 -15.76 -21.62 12.57
C ARG A 11 -15.12 -22.87 11.95
N ASP A 12 -14.27 -22.65 10.93
CA ASP A 12 -13.69 -23.80 10.25
C ASP A 12 -12.44 -24.33 10.93
N GLU A 13 -11.75 -25.31 10.29
CA GLU A 13 -10.54 -25.86 10.92
C GLU A 13 -9.43 -24.85 11.12
N TYR A 14 -9.46 -23.63 10.53
CA TYR A 14 -8.39 -22.66 10.85
C TYR A 14 -8.95 -21.58 11.72
N GLY A 15 -10.19 -21.80 12.23
CA GLY A 15 -10.72 -20.81 13.16
C GLY A 15 -11.41 -19.70 12.37
N MET A 16 -11.49 -19.73 11.05
CA MET A 16 -12.15 -18.66 10.29
C MET A 16 -13.70 -18.72 10.42
N PRO A 17 -14.30 -17.60 10.75
CA PRO A 17 -15.73 -17.56 11.08
C PRO A 17 -16.55 -17.30 9.86
N HIS A 18 -17.70 -17.94 9.73
CA HIS A 18 -18.71 -17.76 8.73
C HIS A 18 -20.04 -17.38 9.44
N ILE A 19 -20.68 -16.35 8.94
CA ILE A 19 -21.82 -15.69 9.59
C ILE A 19 -23.05 -15.92 8.73
N TYR A 20 -24.08 -16.50 9.36
CA TYR A 20 -25.36 -16.83 8.70
C TYR A 20 -26.42 -16.00 9.44
N ALA A 21 -27.09 -15.08 8.78
CA ALA A 21 -28.04 -14.17 9.38
C ALA A 21 -28.98 -13.72 8.26
N ASN A 22 -30.16 -13.24 8.64
CA ASN A 22 -31.24 -12.95 7.70
C ASN A 22 -31.37 -11.51 7.25
N ASP A 23 -30.90 -10.56 8.05
CA ASP A 23 -30.95 -9.22 7.52
C ASP A 23 -29.54 -8.56 7.75
N THR A 24 -29.47 -7.31 7.33
CA THR A 24 -28.18 -6.61 7.32
C THR A 24 -27.59 -6.42 8.67
N TRP A 25 -28.41 -5.90 9.57
CA TRP A 25 -27.99 -5.58 10.91
C TRP A 25 -27.52 -6.84 11.63
N HIS A 26 -28.22 -7.96 11.49
CA HIS A 26 -27.85 -9.16 12.20
C HIS A 26 -26.52 -9.71 11.59
N LEU A 27 -26.40 -9.70 10.29
CA LEU A 27 -25.21 -10.15 9.58
C LEU A 27 -23.97 -9.36 10.06
N PHE A 28 -24.04 -8.04 10.12
CA PHE A 28 -22.82 -7.28 10.53
C PHE A 28 -22.60 -7.36 12.00
N TYR A 29 -23.77 -7.63 12.71
CA TYR A 29 -23.61 -7.78 14.15
C TYR A 29 -22.76 -9.04 14.41
N GLY A 30 -23.05 -10.14 13.73
CA GLY A 30 -22.21 -11.32 13.96
C GLY A 30 -20.75 -11.06 13.53
N TYR A 31 -20.52 -10.33 12.42
CA TYR A 31 -19.12 -10.03 12.04
C TYR A 31 -18.37 -9.35 13.15
N GLY A 32 -18.89 -8.25 13.66
CA GLY A 32 -18.37 -7.42 14.76
C GLY A 32 -18.03 -8.29 15.96
N TYR A 33 -18.96 -9.20 16.28
CA TYR A 33 -18.85 -10.07 17.46
C TYR A 33 -17.63 -11.02 17.30
N VAL A 34 -17.50 -11.66 16.14
CA VAL A 34 -16.30 -12.52 16.03
C VAL A 34 -15.00 -11.74 15.96
N VAL A 35 -15.01 -10.55 15.36
CA VAL A 35 -13.83 -9.67 15.48
C VAL A 35 -13.42 -9.39 16.87
N ALA A 36 -14.37 -8.98 17.76
CA ALA A 36 -14.11 -8.74 19.17
C ALA A 36 -13.58 -10.00 19.88
N GLN A 37 -14.06 -11.15 19.44
CA GLN A 37 -13.59 -12.40 20.03
C GLN A 37 -12.13 -12.68 19.61
N ASP A 38 -11.78 -12.45 18.34
CA ASP A 38 -10.46 -12.78 17.80
C ASP A 38 -9.38 -11.72 17.91
N ARG A 39 -9.74 -10.45 17.80
CA ARG A 39 -8.81 -9.34 17.65
C ARG A 39 -9.11 -8.10 18.47
N LEU A 40 -9.59 -8.27 19.73
CA LEU A 40 -9.95 -7.13 20.49
C LEU A 40 -8.80 -6.17 20.81
N PHE A 41 -7.66 -6.63 21.35
CA PHE A 41 -6.62 -5.64 21.66
C PHE A 41 -6.16 -4.92 20.38
N GLN A 42 -5.95 -5.64 19.31
CA GLN A 42 -5.47 -5.08 18.04
C GLN A 42 -6.45 -4.02 17.51
N MET A 43 -7.75 -4.33 17.56
CA MET A 43 -8.76 -3.34 17.15
C MET A 43 -8.84 -2.13 18.02
N GLU A 44 -8.71 -2.34 19.34
CA GLU A 44 -8.73 -1.20 20.24
C GLU A 44 -7.51 -0.28 19.99
N MET A 45 -6.32 -0.90 19.78
CA MET A 45 -5.13 -0.06 19.55
C MET A 45 -5.23 0.64 18.18
N ALA A 46 -5.87 -0.01 17.24
CA ALA A 46 -6.08 0.66 15.94
C ALA A 46 -7.09 1.80 16.07
N ARG A 47 -8.09 1.60 16.94
CA ARG A 47 -9.02 2.70 17.20
C ARG A 47 -8.26 3.83 17.78
N ARG A 48 -7.37 3.64 18.78
CA ARG A 48 -6.68 4.79 19.34
C ARG A 48 -5.67 5.45 18.37
N SER A 49 -5.14 4.62 17.48
CA SER A 49 -4.16 5.11 16.49
C SER A 49 -4.86 5.97 15.46
N THR A 50 -6.07 5.60 15.02
CA THR A 50 -6.73 6.35 13.95
C THR A 50 -7.40 7.58 14.52
N GLN A 51 -7.56 7.69 15.83
CA GLN A 51 -8.18 8.90 16.38
C GLN A 51 -7.19 9.67 17.19
N GLY A 52 -5.92 9.25 17.34
CA GLY A 52 -5.02 10.12 18.15
C GLY A 52 -5.44 10.07 19.62
N THR A 53 -5.60 8.88 20.21
CA THR A 53 -5.87 8.76 21.65
C THR A 53 -4.94 7.72 22.26
N VAL A 54 -3.72 7.64 21.72
CA VAL A 54 -2.70 6.74 22.21
C VAL A 54 -2.04 7.17 23.51
N ALA A 55 -1.76 8.44 23.64
CA ALA A 55 -1.08 8.97 24.80
C ALA A 55 -1.86 8.78 26.10
N GLU A 56 -3.18 8.67 26.03
CA GLU A 56 -4.02 8.51 27.19
C GLU A 56 -3.69 7.18 27.87
N VAL A 57 -3.38 6.13 27.13
CA VAL A 57 -3.02 4.88 27.79
C VAL A 57 -1.52 4.64 27.71
N LEU A 58 -0.74 5.25 26.79
CA LEU A 58 0.69 4.93 26.75
C LEU A 58 1.56 6.15 27.07
N GLY A 59 1.03 7.34 27.32
CA GLY A 59 1.88 8.37 27.88
C GLY A 59 2.60 9.29 26.92
N LYS A 60 3.57 10.04 27.45
CA LYS A 60 4.25 11.18 26.88
C LYS A 60 4.96 10.91 25.55
N ASP A 61 5.49 9.72 25.33
CA ASP A 61 6.13 9.45 24.04
C ASP A 61 5.11 9.54 22.88
N PHE A 62 3.80 9.53 23.08
CA PHE A 62 2.86 9.54 21.96
C PHE A 62 2.10 10.83 21.77
N VAL A 63 2.46 11.94 22.41
CA VAL A 63 1.77 13.19 22.33
C VAL A 63 1.97 13.79 20.96
N LYS A 64 3.17 13.71 20.33
CA LYS A 64 3.28 14.31 18.99
C LYS A 64 2.48 13.46 18.02
N PHE A 65 2.56 12.16 18.16
CA PHE A 65 1.78 11.26 17.28
C PHE A 65 0.30 11.67 17.32
N ASP A 66 -0.26 11.72 18.53
CA ASP A 66 -1.70 12.07 18.68
C ASP A 66 -1.99 13.41 18.04
N LYS A 67 -1.20 14.45 18.31
CA LYS A 67 -1.39 15.70 17.60
C LYS A 67 -1.37 15.58 16.11
N ASP A 68 -0.38 14.90 15.53
CA ASP A 68 -0.32 14.78 14.09
C ASP A 68 -1.56 14.06 13.53
N ILE A 69 -2.07 13.06 14.23
CA ILE A 69 -3.27 12.36 13.71
C ILE A 69 -4.47 13.32 13.70
N ARG A 70 -4.68 14.05 14.78
CA ARG A 70 -5.88 14.93 14.81
C ARG A 70 -5.83 16.09 13.86
N ARG A 71 -4.62 16.62 13.53
CA ARG A 71 -4.49 17.66 12.54
C ARG A 71 -4.78 17.14 11.13
N ASN A 72 -4.74 15.83 10.93
CA ASN A 72 -4.96 15.34 9.56
C ASN A 72 -6.37 14.98 9.16
N TYR A 73 -7.40 15.24 10.00
CA TYR A 73 -8.77 14.98 9.56
C TYR A 73 -9.70 15.95 10.31
N TRP A 74 -10.95 15.93 9.88
CA TRP A 74 -11.99 16.83 10.41
C TRP A 74 -13.22 15.99 10.85
N PRO A 75 -13.24 15.55 12.07
CA PRO A 75 -14.23 14.62 12.60
C PRO A 75 -15.67 15.00 12.25
N ASP A 76 -16.11 16.24 12.37
CA ASP A 76 -17.45 16.67 12.04
C ASP A 76 -17.89 16.42 10.59
N ALA A 77 -16.94 16.39 9.67
CA ALA A 77 -17.19 15.97 8.32
C ALA A 77 -17.50 14.48 8.20
N ILE A 78 -16.81 13.64 8.97
CA ILE A 78 -17.11 12.20 8.87
C ILE A 78 -18.52 11.97 9.53
N ARG A 79 -18.77 12.58 10.69
CA ARG A 79 -20.11 12.39 11.32
C ARG A 79 -21.25 12.86 10.42
N ALA A 80 -21.04 13.95 9.67
CA ALA A 80 -22.04 14.43 8.70
C ALA A 80 -22.29 13.44 7.59
N GLN A 81 -21.21 12.69 7.23
CA GLN A 81 -21.42 11.69 6.19
C GLN A 81 -22.20 10.52 6.75
N ILE A 82 -21.96 10.16 8.00
CA ILE A 82 -22.66 8.98 8.57
C ILE A 82 -24.14 9.40 8.80
N ALA A 83 -24.38 10.65 9.22
CA ALA A 83 -25.76 11.13 9.40
C ALA A 83 -26.56 11.14 8.11
N ALA A 84 -26.00 11.30 6.93
CA ALA A 84 -26.74 11.21 5.69
C ALA A 84 -26.94 9.82 5.16
N LEU A 85 -26.48 8.73 5.77
CA LEU A 85 -26.72 7.43 5.13
C LEU A 85 -28.20 7.06 5.13
N SER A 86 -28.60 6.16 4.24
CA SER A 86 -29.92 5.53 4.35
C SER A 86 -29.90 4.50 5.45
N PRO A 87 -31.08 4.10 5.93
CA PRO A 87 -31.21 3.08 6.95
C PRO A 87 -30.52 1.76 6.58
N GLU A 88 -30.52 1.27 5.37
CA GLU A 88 -29.84 0.03 5.04
C GLU A 88 -28.30 0.22 5.18
N ASP A 89 -27.76 1.37 4.72
CA ASP A 89 -26.31 1.58 4.84
C ASP A 89 -25.88 1.76 6.26
N MET A 90 -26.62 2.54 7.06
CA MET A 90 -26.39 2.75 8.45
C MET A 90 -26.38 1.42 9.21
N SER A 91 -27.18 0.43 8.84
CA SER A 91 -27.26 -0.84 9.53
C SER A 91 -25.96 -1.66 9.50
N ILE A 92 -25.25 -1.50 8.38
CA ILE A 92 -23.91 -2.14 8.33
C ILE A 92 -23.03 -1.64 9.44
N LEU A 93 -22.86 -0.32 9.51
CA LEU A 93 -22.02 0.28 10.53
C LEU A 93 -22.56 0.10 11.93
N GLN A 94 -23.92 0.19 12.14
CA GLN A 94 -24.34 0.09 13.56
C GLN A 94 -24.39 -1.37 13.96
N GLY A 95 -24.76 -2.25 13.01
CA GLY A 95 -24.76 -3.67 13.42
C GLY A 95 -23.34 -4.08 13.87
N TYR A 96 -22.35 -3.67 13.07
CA TYR A 96 -20.92 -4.04 13.38
C TYR A 96 -20.57 -3.54 14.72
N ALA A 97 -20.79 -2.26 15.07
CA ALA A 97 -20.46 -1.79 16.38
C ALA A 97 -21.31 -2.49 17.50
N ASP A 98 -22.60 -2.74 17.30
CA ASP A 98 -23.43 -3.44 18.32
C ASP A 98 -22.88 -4.85 18.59
N GLY A 99 -22.49 -5.61 17.59
CA GLY A 99 -21.89 -6.92 17.73
C GLY A 99 -20.61 -6.91 18.54
N MET A 100 -19.71 -5.93 18.20
CA MET A 100 -18.49 -5.77 18.95
C MET A 100 -18.86 -5.53 20.39
N ASN A 101 -19.81 -4.61 20.62
CA ASN A 101 -20.21 -4.25 21.98
C ASN A 101 -20.80 -5.38 22.81
N ALA A 102 -21.57 -6.27 22.20
CA ALA A 102 -22.11 -7.44 22.91
C ALA A 102 -20.98 -8.28 23.47
N TRP A 103 -19.93 -8.55 22.65
CA TRP A 103 -18.79 -9.28 23.24
C TRP A 103 -18.04 -8.41 24.19
N ILE A 104 -17.89 -7.11 23.98
CA ILE A 104 -17.15 -6.32 24.98
C ILE A 104 -17.84 -6.32 26.35
N ASP A 105 -19.18 -6.20 26.35
CA ASP A 105 -19.94 -6.33 27.60
C ASP A 105 -19.67 -7.67 28.28
N LYS A 106 -19.70 -8.82 27.62
CA LYS A 106 -19.38 -10.08 28.27
C LYS A 106 -17.95 -10.07 28.81
N VAL A 107 -16.96 -9.59 28.04
CA VAL A 107 -15.59 -9.50 28.53
C VAL A 107 -15.49 -8.65 29.77
N ASN A 108 -16.13 -7.49 29.74
CA ASN A 108 -16.01 -6.60 30.90
C ASN A 108 -16.80 -7.08 32.12
N THR A 109 -17.53 -8.15 32.00
CA THR A 109 -18.33 -8.78 33.03
C THR A 109 -17.68 -9.99 33.64
N ASN A 110 -16.80 -10.64 32.86
CA ASN A 110 -16.08 -11.84 33.27
C ASN A 110 -14.62 -11.75 32.84
N PRO A 111 -13.91 -10.72 33.27
CA PRO A 111 -12.56 -10.46 32.87
C PRO A 111 -11.55 -11.46 33.33
N GLU A 112 -11.89 -12.32 34.30
CA GLU A 112 -10.91 -13.24 34.84
C GLU A 112 -10.61 -14.33 33.83
N THR A 113 -11.53 -14.58 32.92
CA THR A 113 -11.29 -15.58 31.89
C THR A 113 -11.38 -14.96 30.51
N LEU A 114 -12.05 -13.80 30.38
CA LEU A 114 -12.21 -13.33 28.99
C LEU A 114 -11.36 -12.15 28.58
N LEU A 115 -10.73 -11.41 29.46
CA LEU A 115 -10.07 -10.20 28.95
C LEU A 115 -8.71 -10.57 28.34
N PRO A 116 -8.43 -10.22 27.10
CA PRO A 116 -7.12 -10.42 26.47
C PRO A 116 -6.00 -10.05 27.40
N LYS A 117 -4.99 -10.92 27.54
CA LYS A 117 -3.88 -10.56 28.45
C LYS A 117 -3.28 -9.21 28.30
N GLN A 118 -3.12 -8.67 27.07
CA GLN A 118 -2.42 -7.39 26.84
C GLN A 118 -3.08 -6.19 27.46
N PHE A 119 -4.41 -6.26 27.73
CA PHE A 119 -5.14 -5.25 28.49
C PHE A 119 -4.64 -5.16 29.92
N ASN A 120 -4.33 -6.27 30.53
CA ASN A 120 -3.77 -6.32 31.86
C ASN A 120 -2.31 -5.85 31.77
N THR A 121 -1.59 -6.35 30.75
CA THR A 121 -0.22 -5.84 30.59
C THR A 121 -0.15 -4.32 30.46
N PHE A 122 -0.95 -3.74 29.56
CA PHE A 122 -0.87 -2.32 29.33
C PHE A 122 -1.74 -1.50 30.29
N GLY A 123 -2.46 -2.09 31.22
CA GLY A 123 -3.14 -1.38 32.28
C GLY A 123 -4.41 -0.66 31.91
N PHE A 124 -5.27 -1.09 31.02
CA PHE A 124 -6.50 -0.37 30.67
C PHE A 124 -7.54 -1.37 30.23
N THR A 125 -8.75 -0.98 29.90
CA THR A 125 -9.81 -1.98 29.52
C THR A 125 -10.57 -1.46 28.33
N PRO A 126 -11.21 -2.26 27.53
CA PRO A 126 -11.91 -1.88 26.33
C PRO A 126 -13.15 -1.04 26.54
N LYS A 127 -13.45 -0.17 25.59
CA LYS A 127 -14.61 0.72 25.67
C LYS A 127 -15.54 0.39 24.54
N ARG A 128 -16.79 0.77 24.60
CA ARG A 128 -17.76 0.41 23.56
C ARG A 128 -17.56 1.27 22.32
N TRP A 129 -17.91 0.74 21.17
CA TRP A 129 -17.71 1.34 19.86
C TRP A 129 -18.96 2.00 19.33
N GLU A 130 -18.92 2.94 18.41
CA GLU A 130 -20.09 3.49 17.71
C GLU A 130 -19.74 3.46 16.23
N PRO A 131 -20.67 3.65 15.33
CA PRO A 131 -20.43 3.70 13.90
C PRO A 131 -19.24 4.59 13.51
N PHE A 132 -19.04 5.73 14.16
CA PHE A 132 -17.99 6.65 13.84
C PHE A 132 -16.61 5.94 14.00
N ASP A 133 -16.47 5.16 15.06
CA ASP A 133 -15.26 4.40 15.28
C ASP A 133 -14.98 3.38 14.19
N VAL A 134 -15.96 2.70 13.67
CA VAL A 134 -15.78 1.78 12.56
C VAL A 134 -15.34 2.49 11.29
N ALA A 135 -15.96 3.63 11.00
CA ALA A 135 -15.66 4.38 9.80
C ALA A 135 -14.16 4.81 9.93
N MET A 136 -13.77 5.36 11.09
CA MET A 136 -12.46 5.88 11.32
C MET A 136 -11.33 4.84 11.23
N ILE A 137 -11.56 3.55 11.47
CA ILE A 137 -10.61 2.49 11.17
C ILE A 137 -10.29 2.44 9.68
N PHE A 138 -11.29 2.47 8.81
CA PHE A 138 -11.01 2.51 7.38
C PHE A 138 -10.32 3.84 6.98
N VAL A 139 -10.81 5.00 7.43
CA VAL A 139 -10.25 6.25 7.02
C VAL A 139 -8.74 6.26 7.35
N GLY A 140 -8.40 6.05 8.61
CA GLY A 140 -7.14 6.07 9.22
C GLY A 140 -6.15 5.04 8.62
N THR A 141 -6.60 3.87 8.19
CA THR A 141 -5.61 2.84 7.81
C THR A 141 -5.67 2.63 6.34
N MET A 142 -6.64 3.26 5.65
CA MET A 142 -6.72 2.97 4.22
C MET A 142 -6.56 4.29 3.45
N ALA A 143 -7.43 5.24 3.78
CA ALA A 143 -7.41 6.48 3.02
C ALA A 143 -6.14 7.25 3.41
N ASN A 144 -5.88 7.38 4.68
CA ASN A 144 -4.73 8.15 5.16
C ASN A 144 -3.39 7.40 4.95
N ARG A 145 -3.37 6.10 4.88
CA ARG A 145 -2.10 5.41 4.64
C ARG A 145 -1.79 5.37 3.16
N PHE A 146 -2.74 5.10 2.26
CA PHE A 146 -2.46 4.84 0.89
C PHE A 146 -3.08 5.87 -0.03
N SER A 147 -3.77 6.92 0.42
CA SER A 147 -4.32 7.79 -0.61
C SER A 147 -4.18 9.22 -0.24
N ASP A 148 -3.22 9.48 0.65
CA ASP A 148 -3.00 10.86 1.05
C ASP A 148 -1.55 11.35 0.76
N SER A 149 -0.92 10.95 -0.35
CA SER A 149 0.52 11.24 -0.42
C SER A 149 0.84 12.51 -1.18
N THR A 150 1.59 13.41 -0.57
CA THR A 150 2.00 14.55 -1.45
C THR A 150 3.38 15.00 -0.96
N SER A 151 4.20 15.61 -1.81
CA SER A 151 5.45 16.20 -1.28
C SER A 151 5.58 17.56 -1.98
N GLU A 152 4.43 18.19 -2.35
CA GLU A 152 4.46 19.38 -3.15
C GLU A 152 5.34 20.49 -2.54
N ILE A 153 5.31 20.69 -1.26
CA ILE A 153 6.02 21.72 -0.55
C ILE A 153 7.52 21.39 -0.68
N ASP A 154 7.94 20.19 -0.33
CA ASP A 154 9.32 19.76 -0.56
C ASP A 154 9.65 19.81 -2.05
N ASN A 155 8.84 19.46 -3.02
CA ASN A 155 9.13 19.64 -4.40
C ASN A 155 9.58 21.09 -4.74
N LEU A 156 8.92 22.08 -4.18
CA LEU A 156 9.13 23.48 -4.46
C LEU A 156 10.49 23.87 -3.87
N ALA A 157 10.81 23.51 -2.67
CA ALA A 157 12.10 23.76 -2.08
C ALA A 157 13.22 23.18 -2.97
N LEU A 158 13.10 21.97 -3.48
CA LEU A 158 14.04 21.37 -4.41
C LEU A 158 14.13 22.28 -5.64
N LEU A 159 13.03 22.61 -6.29
CA LEU A 159 13.02 23.39 -7.51
C LEU A 159 13.70 24.76 -7.34
N THR A 160 13.44 25.38 -6.20
CA THR A 160 14.07 26.65 -5.85
C THR A 160 15.60 26.45 -5.80
N ALA A 161 16.08 25.44 -5.11
CA ALA A 161 17.49 25.12 -4.99
C ALA A 161 18.12 24.84 -6.34
N LEU A 162 17.48 24.18 -7.27
CA LEU A 162 17.96 23.95 -8.60
C LEU A 162 18.02 25.22 -9.44
N LYS A 163 17.18 26.19 -9.15
CA LYS A 163 17.13 27.46 -9.90
C LYS A 163 18.29 28.34 -9.46
N ASP A 164 18.64 28.33 -8.20
CA ASP A 164 19.77 29.01 -7.64
C ASP A 164 21.03 28.43 -8.31
N LYS A 165 21.20 27.11 -8.24
CA LYS A 165 22.33 26.45 -8.81
C LYS A 165 22.44 26.63 -10.31
N TYR A 166 21.46 26.45 -11.15
CA TYR A 166 21.61 26.37 -12.56
C TYR A 166 20.94 27.55 -13.28
N GLY A 167 20.39 28.45 -12.48
CA GLY A 167 19.67 29.58 -13.13
C GLY A 167 18.23 29.12 -13.40
N VAL A 168 17.34 30.11 -13.55
CA VAL A 168 15.94 29.93 -13.79
C VAL A 168 15.51 28.98 -14.89
N SER A 169 15.78 29.07 -16.17
CA SER A 169 15.23 28.08 -17.09
C SER A 169 15.84 26.68 -16.93
N GLN A 170 17.10 26.65 -16.50
CA GLN A 170 17.88 25.42 -16.41
C GLN A 170 17.50 24.61 -15.16
N GLY A 171 17.24 25.27 -14.08
CA GLY A 171 16.78 24.73 -12.81
C GLY A 171 15.47 23.96 -13.08
N MET A 172 14.62 24.44 -13.95
CA MET A 172 13.34 23.89 -14.29
C MET A 172 13.53 22.61 -15.10
N ALA A 173 14.48 22.71 -16.05
CA ALA A 173 14.69 21.55 -16.92
C ALA A 173 15.36 20.46 -16.10
N VAL A 174 16.20 20.73 -15.11
CA VAL A 174 16.76 19.65 -14.31
C VAL A 174 15.64 19.07 -13.40
N PHE A 175 14.71 19.90 -12.90
CA PHE A 175 13.56 19.45 -12.10
C PHE A 175 12.76 18.48 -12.92
N ASN A 176 12.55 18.71 -14.23
CA ASN A 176 11.88 17.81 -15.09
C ASN A 176 12.70 16.57 -15.39
N GLN A 177 13.99 16.55 -15.09
CA GLN A 177 14.79 15.36 -15.40
C GLN A 177 14.73 14.46 -14.15
N LEU A 178 14.65 15.08 -12.96
CA LEU A 178 14.64 14.25 -11.76
C LEU A 178 13.20 13.75 -11.38
N LYS A 179 12.24 14.62 -11.57
CA LYS A 179 10.81 14.33 -11.21
C LYS A 179 9.98 14.62 -12.42
N TRP A 180 10.09 13.88 -13.48
CA TRP A 180 9.32 14.10 -14.70
C TRP A 180 7.81 14.00 -14.32
N LEU A 181 6.95 14.51 -15.16
CA LEU A 181 5.52 14.45 -14.95
C LEU A 181 5.01 13.12 -15.47
N VAL A 182 5.39 12.74 -16.67
CA VAL A 182 5.19 11.46 -17.27
C VAL A 182 6.46 11.03 -18.05
N ASN A 183 6.60 9.75 -18.23
CA ASN A 183 7.69 9.10 -18.95
C ASN A 183 6.97 8.10 -19.80
N PRO A 184 7.04 8.27 -21.11
CA PRO A 184 6.40 7.49 -22.09
C PRO A 184 6.99 6.10 -22.17
N SER A 185 8.19 5.84 -21.61
CA SER A 185 8.58 4.43 -21.68
C SER A 185 8.18 3.65 -20.42
N ALA A 186 7.50 4.20 -19.41
CA ALA A 186 7.11 3.33 -18.27
C ALA A 186 6.25 2.17 -18.68
N PRO A 187 6.50 0.94 -18.22
CA PRO A 187 5.71 -0.25 -18.43
C PRO A 187 4.32 -0.06 -17.77
N THR A 188 3.27 -0.36 -18.51
CA THR A 188 1.91 0.00 -18.08
C THR A 188 1.04 -1.23 -17.89
N THR A 189 0.08 -1.16 -16.95
CA THR A 189 -0.84 -2.32 -16.81
C THR A 189 -1.76 -2.42 -18.02
N ILE A 190 -2.20 -1.34 -18.58
CA ILE A 190 -2.98 -1.42 -19.84
C ILE A 190 -2.07 -1.18 -21.05
N ALA A 191 -2.08 -2.05 -22.04
CA ALA A 191 -1.24 -1.91 -23.22
C ALA A 191 -1.71 -0.75 -24.07
N VAL A 192 -0.79 -0.12 -24.82
CA VAL A 192 -1.13 1.04 -25.62
C VAL A 192 -2.14 0.66 -26.68
N GLN A 193 -2.17 -0.55 -27.25
CA GLN A 193 -3.23 -0.86 -28.19
C GLN A 193 -4.65 -0.66 -27.62
N GLU A 194 -4.85 -0.74 -26.30
CA GLU A 194 -6.16 -0.63 -25.69
C GLU A 194 -6.51 0.83 -25.46
N SER A 195 -5.72 1.64 -24.77
CA SER A 195 -6.09 3.06 -24.75
C SER A 195 -4.93 3.86 -24.15
N ASN A 196 -4.93 5.17 -24.19
CA ASN A 196 -3.94 5.99 -23.49
C ASN A 196 -4.72 7.11 -22.76
N TYR A 197 -4.06 7.70 -21.78
CA TYR A 197 -4.72 8.76 -21.05
C TYR A 197 -4.81 9.98 -21.98
N PRO A 198 -5.96 10.62 -21.95
CA PRO A 198 -6.26 11.77 -22.77
C PRO A 198 -5.81 13.12 -22.24
N LEU A 199 -5.63 13.30 -20.95
CA LEU A 199 -5.26 14.63 -20.48
C LEU A 199 -3.78 14.94 -20.68
N LYS A 200 -3.46 16.19 -20.97
CA LYS A 200 -2.07 16.65 -21.01
C LYS A 200 -1.99 17.77 -19.99
N PHE A 201 -0.94 17.77 -19.19
CA PHE A 201 -0.82 18.70 -18.07
C PHE A 201 0.27 19.74 -18.27
N ASN A 202 0.23 20.81 -17.46
CA ASN A 202 1.29 21.80 -17.52
C ASN A 202 2.53 21.28 -16.77
N GLN A 203 3.69 21.47 -17.36
CA GLN A 203 4.99 21.07 -16.90
C GLN A 203 5.98 22.20 -16.63
N GLN A 204 5.53 23.41 -16.41
CA GLN A 204 6.46 24.54 -16.26
C GLN A 204 6.18 25.33 -15.01
N ASN A 205 5.45 24.71 -14.06
CA ASN A 205 4.99 25.46 -12.90
C ASN A 205 4.34 26.77 -13.36
N SER A 206 3.37 26.68 -14.28
CA SER A 206 2.73 27.88 -14.82
C SER A 206 1.88 28.70 -13.87
N GLN A 207 1.56 28.20 -12.67
CA GLN A 207 0.85 28.88 -11.62
C GLN A 207 1.66 29.94 -10.90
N THR A 208 2.87 30.29 -11.34
CA THR A 208 3.69 31.26 -10.60
C THR A 208 3.87 32.59 -11.29
N SER B 1 2.60 -3.89 -3.71
CA SER B 1 1.64 -5.00 -3.82
C SER B 1 1.60 -5.44 -5.24
N ASN B 2 1.44 -6.75 -5.46
CA ASN B 2 1.30 -7.21 -6.82
C ASN B 2 0.03 -8.04 -7.00
N MET B 3 -0.27 -8.27 -8.25
CA MET B 3 -1.51 -8.94 -8.63
C MET B 3 -1.29 -9.42 -10.03
N TRP B 4 -1.60 -10.66 -10.34
CA TRP B 4 -1.65 -11.05 -11.71
C TRP B 4 -3.06 -11.69 -11.89
N VAL B 5 -3.71 -11.34 -12.98
CA VAL B 5 -5.01 -11.97 -13.28
C VAL B 5 -4.93 -12.61 -14.65
N ILE B 6 -5.31 -13.88 -14.75
CA ILE B 6 -5.13 -14.65 -15.99
C ILE B 6 -6.49 -15.11 -16.57
N GLY B 7 -6.79 -14.68 -17.78
CA GLY B 7 -8.12 -14.92 -18.37
C GLY B 7 -8.19 -16.24 -19.11
N LYS B 8 -9.34 -16.46 -19.80
CA LYS B 8 -9.64 -17.64 -20.59
C LYS B 8 -8.56 -18.06 -21.57
N SER B 9 -8.02 -17.13 -22.34
CA SER B 9 -7.00 -17.42 -23.34
C SER B 9 -5.62 -17.75 -22.80
N LYS B 10 -5.34 -17.59 -21.51
CA LYS B 10 -4.03 -17.89 -20.98
C LYS B 10 -4.07 -18.90 -19.87
N ALA B 11 -5.27 -19.28 -19.39
CA ALA B 11 -5.35 -20.18 -18.25
C ALA B 11 -5.39 -21.62 -18.75
N GLN B 12 -4.78 -22.55 -18.05
CA GLN B 12 -4.79 -23.95 -18.45
C GLN B 12 -5.58 -24.71 -17.41
N ASP B 13 -6.57 -25.52 -17.74
CA ASP B 13 -7.38 -26.24 -16.78
C ASP B 13 -8.33 -25.38 -15.92
N ALA B 14 -8.72 -24.21 -16.37
CA ALA B 14 -9.64 -23.34 -15.63
C ALA B 14 -10.00 -22.19 -16.55
N LYS B 15 -10.88 -21.25 -16.22
CA LYS B 15 -11.14 -20.20 -17.21
C LYS B 15 -10.53 -18.90 -16.71
N ALA B 16 -10.26 -18.82 -15.40
CA ALA B 16 -9.70 -17.62 -14.84
C ALA B 16 -9.05 -17.94 -13.51
N ILE B 17 -7.97 -17.18 -13.30
CA ILE B 17 -7.13 -17.39 -12.08
C ILE B 17 -6.72 -15.99 -11.61
N MET B 18 -6.97 -15.66 -10.35
CA MET B 18 -6.49 -14.38 -9.85
C MET B 18 -5.58 -14.61 -8.66
N VAL B 19 -4.39 -13.99 -8.68
CA VAL B 19 -3.47 -14.13 -7.53
C VAL B 19 -3.11 -12.75 -7.04
N ASN B 20 -3.12 -12.49 -5.73
CA ASN B 20 -2.97 -11.15 -5.26
C ASN B 20 -2.03 -11.15 -4.09
N GLY B 21 -1.06 -10.23 -4.03
CA GLY B 21 -0.19 -10.22 -2.84
C GLY B 21 -0.03 -8.76 -2.41
N PRO B 22 -0.98 -8.28 -1.61
CA PRO B 22 -1.05 -6.91 -1.17
C PRO B 22 0.09 -6.80 -0.16
N GLN B 23 0.92 -5.77 -0.28
CA GLN B 23 2.04 -5.66 0.63
C GLN B 23 1.79 -4.55 1.60
N PHE B 24 1.56 -4.83 2.88
CA PHE B 24 1.29 -3.73 3.80
C PHE B 24 2.32 -3.72 4.90
N GLY B 25 3.41 -4.53 4.74
CA GLY B 25 4.32 -4.67 5.98
C GLY B 25 3.92 -6.04 6.65
N TRP B 26 4.55 -6.49 7.71
CA TRP B 26 4.27 -7.79 8.33
C TRP B 26 4.17 -7.68 9.82
N TYR B 27 3.03 -8.15 10.38
CA TYR B 27 2.63 -7.77 11.73
C TYR B 27 2.04 -8.94 12.55
N ALA B 28 2.05 -8.83 13.85
CA ALA B 28 1.46 -9.89 14.69
C ALA B 28 0.62 -9.15 15.73
N PRO B 29 -0.66 -9.40 15.80
CA PRO B 29 -1.38 -10.30 14.94
C PRO B 29 -1.48 -9.72 13.53
N ALA B 30 -1.92 -10.54 12.65
CA ALA B 30 -2.07 -10.41 11.22
C ALA B 30 -2.83 -9.15 10.84
N TYR B 31 -2.22 -8.52 9.80
CA TYR B 31 -2.77 -7.29 9.28
C TYR B 31 -4.20 -7.59 8.74
N THR B 32 -4.51 -8.70 8.15
CA THR B 32 -5.82 -8.94 7.57
C THR B 32 -6.59 -9.99 8.44
N TYR B 33 -7.85 -10.12 8.16
CA TYR B 33 -8.77 -10.91 9.05
C TYR B 33 -9.68 -11.77 8.19
N GLY B 34 -9.77 -13.10 8.40
CA GLY B 34 -10.55 -13.88 7.40
C GLY B 34 -12.07 -13.95 7.89
N ILE B 35 -12.97 -13.89 6.93
CA ILE B 35 -14.41 -13.76 7.35
C ILE B 35 -15.27 -14.15 6.17
N GLY B 36 -16.33 -14.99 6.45
CA GLY B 36 -17.26 -15.37 5.40
C GLY B 36 -18.65 -14.82 5.86
N LEU B 37 -19.42 -14.27 4.95
CA LEU B 37 -20.69 -13.60 5.22
C LEU B 37 -21.76 -14.15 4.28
N HIS B 38 -22.80 -14.71 4.97
CA HIS B 38 -23.82 -15.45 4.23
C HIS B 38 -25.23 -15.00 4.65
N GLY B 39 -25.81 -14.17 3.85
CA GLY B 39 -27.11 -13.59 4.21
C GLY B 39 -27.27 -12.17 3.73
N ALA B 40 -28.56 -11.80 3.68
CA ALA B 40 -28.99 -10.46 3.37
C ALA B 40 -28.48 -10.04 1.99
N GLY B 41 -28.41 -10.89 1.00
CA GLY B 41 -27.95 -10.61 -0.33
C GLY B 41 -26.43 -10.87 -0.47
N TYR B 42 -25.74 -11.14 0.63
CA TYR B 42 -24.29 -11.42 0.62
C TYR B 42 -24.02 -12.92 0.69
N ASP B 43 -22.99 -13.41 0.00
CA ASP B 43 -22.53 -14.78 0.09
C ASP B 43 -21.02 -14.81 -0.27
N VAL B 44 -20.25 -14.38 0.71
CA VAL B 44 -18.85 -14.08 0.35
C VAL B 44 -17.89 -14.86 1.25
N THR B 45 -16.61 -14.93 0.78
CA THR B 45 -15.55 -15.53 1.53
C THR B 45 -14.13 -14.85 1.18
N GLY B 46 -13.35 -14.64 2.20
CA GLY B 46 -12.08 -13.87 1.95
C GLY B 46 -11.42 -13.36 3.18
N ASN B 47 -10.60 -12.28 3.05
CA ASN B 47 -9.89 -11.73 4.19
C ASN B 47 -9.70 -10.24 3.87
N THR B 48 -9.56 -9.44 4.91
CA THR B 48 -9.60 -8.01 4.68
C THR B 48 -8.84 -7.32 5.76
N PRO B 49 -8.11 -6.22 5.42
CA PRO B 49 -7.38 -5.47 6.40
C PRO B 49 -8.23 -4.95 7.55
N PHE B 50 -7.79 -5.07 8.82
CA PHE B 50 -8.42 -4.52 9.98
C PHE B 50 -9.92 -4.90 10.05
N ALA B 51 -10.32 -6.01 9.50
CA ALA B 51 -11.70 -6.49 9.51
C ALA B 51 -12.67 -5.42 9.00
N TYR B 52 -12.37 -4.68 7.90
CA TYR B 52 -13.34 -3.72 7.41
C TYR B 52 -14.66 -4.49 7.18
N PRO B 53 -15.75 -3.71 7.16
CA PRO B 53 -17.06 -4.23 6.70
C PRO B 53 -16.99 -4.73 5.28
N GLY B 54 -16.26 -4.14 4.32
CA GLY B 54 -16.13 -4.72 2.99
C GLY B 54 -14.80 -5.53 2.86
N LEU B 55 -14.82 -6.67 2.22
CA LEU B 55 -13.70 -7.59 2.07
C LEU B 55 -12.88 -7.08 0.87
N VAL B 56 -11.64 -6.65 1.21
CA VAL B 56 -10.83 -6.19 0.02
C VAL B 56 -10.38 -7.34 -0.83
N PHE B 57 -10.29 -8.59 -0.32
CA PHE B 57 -9.80 -9.72 -1.10
C PHE B 57 -10.79 -10.90 -0.93
N GLY B 58 -11.34 -11.37 -2.03
CA GLY B 58 -12.25 -12.50 -1.81
C GLY B 58 -13.11 -12.71 -3.03
N HIS B 59 -14.14 -13.59 -2.86
CA HIS B 59 -14.99 -13.87 -4.00
C HIS B 59 -16.45 -14.23 -3.53
N ASN B 60 -17.39 -14.28 -4.43
CA ASN B 60 -18.77 -14.52 -3.97
C ASN B 60 -19.34 -15.70 -4.72
N GLY B 61 -18.51 -16.60 -5.24
CA GLY B 61 -18.90 -17.64 -6.13
C GLY B 61 -19.14 -17.33 -7.58
N VAL B 62 -19.28 -16.09 -8.00
CA VAL B 62 -19.54 -15.77 -9.40
C VAL B 62 -18.33 -14.92 -9.89
N ILE B 63 -18.04 -13.89 -9.12
CA ILE B 63 -16.91 -12.99 -9.49
C ILE B 63 -15.93 -12.96 -8.33
N SER B 64 -14.66 -12.59 -8.62
CA SER B 64 -13.68 -12.35 -7.58
C SER B 64 -13.04 -10.95 -7.79
N TRP B 65 -12.40 -10.44 -6.75
CA TRP B 65 -11.83 -9.14 -6.75
C TRP B 65 -10.56 -9.06 -5.89
N GLY B 66 -9.81 -7.99 -6.15
CA GLY B 66 -8.61 -7.70 -5.37
C GLY B 66 -8.16 -6.27 -5.64
N SER B 67 -7.16 -5.75 -4.88
CA SER B 67 -6.70 -4.37 -5.09
C SER B 67 -5.16 -4.27 -5.08
N THR B 68 -4.56 -3.16 -5.61
CA THR B 68 -3.21 -2.73 -5.25
C THR B 68 -3.29 -1.20 -5.09
N ALA B 69 -2.47 -0.49 -4.35
CA ALA B 69 -2.58 0.96 -4.26
C ALA B 69 -2.31 1.59 -5.62
N GLY B 70 -3.09 2.62 -6.02
CA GLY B 70 -2.96 3.20 -7.35
C GLY B 70 -1.87 4.26 -7.50
N PHE B 71 -1.55 5.08 -6.54
CA PHE B 71 -0.57 6.14 -6.61
C PHE B 71 -0.81 7.19 -7.68
N GLY B 72 -2.07 7.51 -7.98
CA GLY B 72 -2.29 8.65 -8.90
C GLY B 72 -2.08 9.88 -8.03
N ASP B 73 -2.17 11.04 -8.64
CA ASP B 73 -2.05 12.28 -7.94
C ASP B 73 -3.47 12.84 -7.67
N ASP B 74 -3.93 12.66 -6.42
CA ASP B 74 -5.30 13.13 -6.06
C ASP B 74 -5.25 14.10 -4.94
N VAL B 75 -4.02 14.62 -4.68
CA VAL B 75 -3.87 15.56 -3.57
C VAL B 75 -3.09 16.78 -4.05
N ASP B 76 -3.44 18.02 -3.81
CA ASP B 76 -2.60 19.15 -4.23
C ASP B 76 -2.66 20.10 -3.06
N ILE B 77 -1.69 20.99 -3.05
CA ILE B 77 -1.49 21.86 -1.90
C ILE B 77 -1.83 23.30 -2.28
N PHE B 78 -2.66 24.00 -1.49
CA PHE B 78 -3.05 25.38 -1.84
C PHE B 78 -2.38 26.33 -0.89
N ALA B 79 -1.72 27.38 -1.47
CA ALA B 79 -0.93 28.30 -0.66
C ALA B 79 -1.86 29.46 -0.33
N GLU B 80 -2.34 29.51 0.89
CA GLU B 80 -3.36 30.50 1.22
C GLU B 80 -2.72 31.81 1.72
N ARG B 81 -3.25 32.91 1.18
N ARG B 81 -3.25 32.91 1.18
CA ARG B 81 -2.81 34.24 1.56
CA ARG B 81 -2.81 34.24 1.57
C ARG B 81 -3.36 34.73 2.89
C ARG B 81 -3.37 34.72 2.90
N LEU B 82 -2.57 34.78 3.94
CA LEU B 82 -3.01 35.31 5.22
C LEU B 82 -2.76 36.81 5.29
N SER B 83 -3.05 37.39 6.44
CA SER B 83 -2.94 38.81 6.72
C SER B 83 -2.55 38.97 8.19
N ALA B 84 -1.42 39.64 8.42
CA ALA B 84 -0.89 39.97 9.73
C ALA B 84 -1.92 40.63 10.64
N GLU B 85 -2.72 41.51 10.07
N GLU B 85 -2.71 41.49 10.03
CA GLU B 85 -3.74 42.27 10.74
CA GLU B 85 -3.79 42.21 10.67
C GLU B 85 -5.17 41.76 10.69
C GLU B 85 -5.12 41.53 10.31
N LYS B 86 -5.48 40.57 11.18
CA LYS B 86 -6.81 39.97 11.12
C LYS B 86 -6.65 38.48 10.86
N PRO B 87 -6.02 37.82 11.81
CA PRO B 87 -5.74 36.41 11.73
C PRO B 87 -7.02 35.60 11.76
N GLY B 88 -6.96 34.43 11.13
CA GLY B 88 -8.09 33.55 11.10
C GLY B 88 -8.85 33.71 9.80
N TYR B 89 -8.37 34.64 8.97
CA TYR B 89 -9.01 34.90 7.69
C TYR B 89 -8.03 34.60 6.55
N TYR B 90 -8.63 34.34 5.40
CA TYR B 90 -7.75 34.14 4.26
C TYR B 90 -8.48 34.72 3.05
N LEU B 91 -7.70 35.16 2.08
CA LEU B 91 -8.25 35.73 0.86
C LEU B 91 -8.74 34.68 -0.10
N HIS B 92 -10.05 34.70 -0.40
CA HIS B 92 -10.55 33.77 -1.41
C HIS B 92 -11.55 34.53 -2.27
N ASN B 93 -11.40 34.52 -3.57
CA ASN B 93 -12.23 35.21 -4.53
C ASN B 93 -12.67 36.61 -4.11
N GLY B 94 -11.68 37.42 -3.78
CA GLY B 94 -11.83 38.82 -3.51
C GLY B 94 -12.30 39.23 -2.14
N LYS B 95 -12.69 38.33 -1.27
CA LYS B 95 -13.14 38.69 0.08
C LYS B 95 -12.28 38.01 1.12
N TRP B 96 -12.24 38.48 2.34
CA TRP B 96 -11.46 37.82 3.38
C TRP B 96 -12.42 36.88 4.14
N VAL B 97 -12.27 35.58 3.95
CA VAL B 97 -13.05 34.52 4.54
C VAL B 97 -12.46 33.94 5.81
N LYS B 98 -13.33 33.61 6.77
CA LYS B 98 -12.93 33.10 8.07
C LYS B 98 -12.62 31.60 7.92
N MET B 99 -11.61 31.13 8.63
CA MET B 99 -11.27 29.73 8.57
C MET B 99 -12.21 28.99 9.52
N LEU B 100 -12.50 27.73 9.31
CA LEU B 100 -13.01 26.84 10.33
C LEU B 100 -11.85 26.50 11.28
N SER B 101 -12.13 26.23 12.55
CA SER B 101 -11.16 25.92 13.56
C SER B 101 -11.79 25.05 14.65
N ARG B 102 -11.07 24.22 15.36
CA ARG B 102 -11.58 23.38 16.42
C ARG B 102 -10.43 23.24 17.43
N GLU B 103 -10.76 23.07 18.69
CA GLU B 103 -9.74 22.96 19.72
C GLU B 103 -9.63 21.49 20.08
N GLU B 104 -8.44 20.95 20.34
CA GLU B 104 -8.32 19.55 20.75
C GLU B 104 -7.47 19.46 22.01
N THR B 105 -7.80 18.58 22.94
CA THR B 105 -7.05 18.35 24.17
C THR B 105 -6.62 16.86 24.06
N ILE B 106 -5.34 16.70 24.31
CA ILE B 106 -4.71 15.39 24.28
C ILE B 106 -4.54 14.99 25.74
N THR B 107 -5.25 13.97 26.20
CA THR B 107 -5.03 13.54 27.59
C THR B 107 -3.75 12.73 27.55
N VAL B 108 -2.94 12.71 28.56
CA VAL B 108 -1.68 12.00 28.65
C VAL B 108 -1.57 11.17 29.92
N LYS B 109 -1.40 9.87 29.81
CA LYS B 109 -1.23 9.03 31.00
C LYS B 109 -0.02 9.48 31.78
N ASN B 110 -0.08 9.80 33.05
CA ASN B 110 1.01 10.27 33.88
C ASN B 110 1.68 11.51 33.36
N GLY B 111 0.90 12.42 32.79
CA GLY B 111 1.41 13.71 32.37
C GLY B 111 0.32 14.76 32.37
N GLN B 112 0.68 15.96 31.95
CA GLN B 112 -0.26 17.06 31.82
C GLN B 112 -0.99 17.01 30.48
N ALA B 113 -2.24 17.47 30.37
CA ALA B 113 -2.92 17.43 29.07
C ALA B 113 -2.46 18.56 28.18
N GLU B 114 -2.51 18.35 26.88
CA GLU B 114 -2.11 19.36 25.92
C GLU B 114 -3.29 19.72 25.00
N THR B 115 -3.44 21.04 24.82
CA THR B 115 -4.49 21.48 23.92
C THR B 115 -3.86 22.35 22.83
N PHE B 116 -4.46 22.23 21.66
CA PHE B 116 -3.98 22.92 20.47
C PHE B 116 -5.18 23.06 19.53
N THR B 117 -5.01 23.90 18.53
CA THR B 117 -6.07 24.13 17.56
C THR B 117 -5.82 23.55 16.19
N VAL B 118 -6.80 23.05 15.46
CA VAL B 118 -6.71 22.64 14.06
C VAL B 118 -7.47 23.63 13.19
N TRP B 119 -6.95 24.05 12.06
CA TRP B 119 -7.43 25.02 11.15
C TRP B 119 -7.80 24.44 9.81
N ARG B 120 -8.87 25.00 9.22
CA ARG B 120 -9.34 24.45 7.93
C ARG B 120 -9.92 25.52 7.05
N THR B 121 -9.65 25.45 5.74
CA THR B 121 -10.13 26.45 4.81
C THR B 121 -10.99 25.67 3.85
N VAL B 122 -11.54 26.28 2.86
CA VAL B 122 -12.29 25.63 1.81
C VAL B 122 -11.50 24.58 1.08
N HIS B 123 -10.15 24.71 1.03
CA HIS B 123 -9.36 23.68 0.31
C HIS B 123 -9.03 22.55 1.27
N GLY B 124 -9.02 22.71 2.58
CA GLY B 124 -8.71 21.55 3.45
C GLY B 124 -8.04 21.94 4.73
N ASN B 125 -7.54 21.00 5.56
CA ASN B 125 -6.87 21.37 6.77
C ASN B 125 -5.53 22.12 6.42
N ILE B 126 -5.13 23.00 7.28
CA ILE B 126 -3.82 23.67 7.15
C ILE B 126 -2.70 22.74 7.64
N LEU B 127 -1.77 22.41 6.78
CA LEU B 127 -0.60 21.61 7.19
C LEU B 127 0.42 22.45 7.96
N GLN B 128 0.79 23.57 7.34
CA GLN B 128 1.83 24.44 7.86
C GLN B 128 1.61 25.87 7.37
N THR B 129 2.15 26.80 8.16
CA THR B 129 2.05 28.21 7.83
C THR B 129 3.45 28.84 7.82
N ASP B 130 3.63 29.80 6.93
CA ASP B 130 4.85 30.59 6.86
C ASP B 130 4.50 32.01 7.27
N GLN B 131 4.77 32.34 8.53
CA GLN B 131 4.46 33.68 9.04
C GLN B 131 5.21 34.76 8.29
N THR B 132 6.47 34.50 7.97
CA THR B 132 7.27 35.45 7.20
C THR B 132 6.61 35.80 5.88
N THR B 133 6.05 34.83 5.15
CA THR B 133 5.41 35.20 3.89
C THR B 133 3.90 35.37 4.03
N GLN B 134 3.37 35.15 5.22
CA GLN B 134 1.94 35.18 5.52
C GLN B 134 1.24 34.22 4.56
N THR B 135 1.72 32.99 4.58
CA THR B 135 1.22 31.96 3.68
C THR B 135 0.85 30.75 4.53
N ALA B 136 -0.30 30.14 4.18
CA ALA B 136 -0.62 28.93 4.98
C ALA B 136 -0.83 27.84 3.96
N TYR B 137 -0.32 26.64 4.22
CA TYR B 137 -0.57 25.63 3.16
C TYR B 137 -1.78 24.77 3.59
N ALA B 138 -2.66 24.50 2.66
CA ALA B 138 -3.85 23.67 2.88
C ALA B 138 -3.76 22.46 1.95
N LYS B 139 -3.91 21.29 2.49
CA LYS B 139 -3.85 20.04 1.72
C LYS B 139 -5.23 19.68 1.24
N SER B 140 -5.49 19.56 -0.03
CA SER B 140 -6.70 19.41 -0.72
C SER B 140 -6.76 18.07 -1.45
N ARG B 141 -7.60 17.20 -0.87
CA ARG B 141 -7.80 15.86 -1.38
C ARG B 141 -9.01 15.80 -2.30
N ALA B 142 -8.92 15.13 -3.44
CA ALA B 142 -10.04 14.95 -4.29
C ALA B 142 -11.13 14.10 -3.61
N TRP B 143 -10.85 13.22 -2.67
CA TRP B 143 -11.78 12.28 -2.12
C TRP B 143 -12.46 12.89 -0.89
N ASP B 144 -12.08 14.05 -0.39
CA ASP B 144 -12.55 14.65 0.82
C ASP B 144 -14.11 14.66 0.87
N GLY B 145 -14.80 14.12 1.88
CA GLY B 145 -16.29 14.16 1.72
C GLY B 145 -16.83 12.90 1.16
N LYS B 146 -15.95 11.95 0.72
CA LYS B 146 -16.34 10.68 0.17
C LYS B 146 -15.68 9.48 0.90
N GLU B 147 -15.14 9.65 2.06
CA GLU B 147 -14.51 8.56 2.80
C GLU B 147 -15.50 7.42 3.13
N VAL B 148 -16.69 7.84 3.60
CA VAL B 148 -17.70 6.81 3.94
C VAL B 148 -18.28 6.12 2.79
N ALA B 149 -18.59 6.88 1.73
CA ALA B 149 -19.08 6.25 0.52
C ALA B 149 -18.01 5.30 -0.04
N SER B 150 -16.70 5.58 0.19
CA SER B 150 -15.75 4.62 -0.48
C SER B 150 -15.75 3.27 0.28
N LEU B 151 -15.89 3.34 1.60
CA LEU B 151 -16.03 2.13 2.42
C LEU B 151 -17.25 1.31 2.00
N LEU B 152 -18.34 2.01 1.65
CA LEU B 152 -19.59 1.35 1.22
C LEU B 152 -19.48 0.82 -0.15
N ALA B 153 -18.77 1.57 -1.05
CA ALA B 153 -18.56 0.96 -2.37
C ALA B 153 -17.83 -0.37 -2.25
N TRP B 154 -16.85 -0.49 -1.36
CA TRP B 154 -16.04 -1.72 -1.21
C TRP B 154 -16.92 -2.81 -0.55
N THR B 155 -17.92 -2.41 0.27
CA THR B 155 -18.92 -3.39 0.78
C THR B 155 -19.91 -3.81 -0.27
N HIS B 156 -20.59 -2.86 -0.94
CA HIS B 156 -21.57 -3.24 -1.97
C HIS B 156 -21.03 -4.01 -3.11
N GLN B 157 -19.79 -3.77 -3.62
CA GLN B 157 -19.26 -4.51 -4.74
C GLN B 157 -19.23 -6.00 -4.47
N MET B 158 -19.20 -6.43 -3.18
CA MET B 158 -19.20 -7.88 -3.00
C MET B 158 -20.50 -8.59 -3.44
N LYS B 159 -21.56 -7.90 -3.76
CA LYS B 159 -22.81 -8.45 -4.24
C LYS B 159 -22.95 -8.43 -5.74
N ALA B 160 -22.02 -7.74 -6.42
CA ALA B 160 -22.08 -7.68 -7.89
C ALA B 160 -21.94 -9.05 -8.52
N LYS B 161 -22.56 -9.27 -9.66
CA LYS B 161 -22.50 -10.59 -10.29
C LYS B 161 -21.97 -10.45 -11.71
N ASN B 162 -21.66 -9.22 -12.10
CA ASN B 162 -21.02 -9.13 -13.45
C ASN B 162 -20.24 -7.84 -13.51
N TRP B 163 -19.67 -7.56 -14.71
CA TRP B 163 -18.83 -6.37 -14.85
C TRP B 163 -19.62 -5.10 -14.72
N GLN B 164 -20.80 -5.14 -15.35
CA GLN B 164 -21.58 -3.84 -15.29
C GLN B 164 -21.97 -3.54 -13.90
N GLN B 165 -22.38 -4.58 -13.10
CA GLN B 165 -22.74 -4.17 -11.71
C GLN B 165 -21.47 -3.80 -10.94
N TRP B 166 -20.38 -4.58 -11.21
CA TRP B 166 -19.16 -4.23 -10.43
C TRP B 166 -18.59 -2.86 -10.71
N THR B 167 -18.55 -2.37 -11.95
CA THR B 167 -18.02 -1.03 -12.23
C THR B 167 -18.91 0.12 -11.80
N GLN B 168 -20.20 -0.16 -11.49
CA GLN B 168 -21.02 0.86 -10.85
C GLN B 168 -20.55 1.09 -9.45
N GLN B 169 -20.04 0.07 -8.75
CA GLN B 169 -19.52 0.35 -7.39
C GLN B 169 -18.08 0.90 -7.48
N ALA B 170 -17.33 0.50 -8.48
CA ALA B 170 -15.96 1.04 -8.67
C ALA B 170 -16.02 2.52 -8.90
N ALA B 171 -17.04 3.04 -9.63
CA ALA B 171 -17.25 4.47 -9.82
C ALA B 171 -17.51 5.26 -8.59
N LYS B 172 -17.83 4.63 -7.45
CA LYS B 172 -18.04 5.36 -6.23
C LYS B 172 -16.86 5.26 -5.27
N GLN B 173 -15.88 4.42 -5.58
CA GLN B 173 -14.74 4.31 -4.59
C GLN B 173 -13.87 5.53 -4.97
N ALA B 174 -13.65 6.44 -4.07
CA ALA B 174 -12.95 7.66 -4.46
C ALA B 174 -11.45 7.61 -4.11
N LEU B 175 -10.90 6.66 -3.42
CA LEU B 175 -9.43 6.66 -3.10
C LEU B 175 -8.63 6.26 -4.33
N THR B 176 -7.30 6.54 -4.39
CA THR B 176 -6.56 6.09 -5.60
C THR B 176 -6.11 4.63 -5.52
N ILE B 177 -6.89 3.69 -6.04
CA ILE B 177 -6.72 2.24 -5.76
C ILE B 177 -7.02 1.54 -7.02
N ASN B 178 -6.14 0.62 -7.42
CA ASN B 178 -6.37 -0.23 -8.55
C ASN B 178 -7.33 -1.37 -8.03
N TRP B 179 -8.37 -1.69 -8.77
CA TRP B 179 -9.31 -2.74 -8.55
C TRP B 179 -9.26 -3.74 -9.64
N TYR B 180 -9.48 -5.04 -9.35
CA TYR B 180 -9.36 -6.09 -10.32
C TYR B 180 -10.54 -7.09 -10.20
N TYR B 181 -10.90 -7.61 -11.30
CA TYR B 181 -12.06 -8.45 -11.50
C TYR B 181 -11.73 -9.76 -12.14
N ALA B 182 -12.37 -10.88 -11.80
CA ALA B 182 -12.40 -12.07 -12.64
C ALA B 182 -13.79 -12.76 -12.46
N ASP B 183 -14.25 -13.60 -13.36
CA ASP B 183 -15.55 -14.23 -13.13
C ASP B 183 -15.57 -15.68 -13.60
N VAL B 184 -16.65 -16.40 -13.23
CA VAL B 184 -16.87 -17.78 -13.57
C VAL B 184 -16.83 -18.09 -15.06
N ASN B 185 -17.13 -17.12 -15.91
CA ASN B 185 -17.08 -17.39 -17.34
C ASN B 185 -15.70 -17.08 -17.91
N GLY B 186 -14.71 -16.67 -17.06
CA GLY B 186 -13.41 -16.37 -17.65
C GLY B 186 -13.15 -14.97 -18.13
N ASN B 187 -14.02 -14.00 -17.91
CA ASN B 187 -13.76 -12.60 -18.10
C ASN B 187 -12.83 -12.02 -17.02
N ILE B 188 -11.96 -11.06 -17.40
CA ILE B 188 -11.10 -10.37 -16.44
C ILE B 188 -11.10 -8.88 -16.70
N GLY B 189 -10.86 -8.08 -15.65
CA GLY B 189 -10.88 -6.66 -15.86
C GLY B 189 -10.10 -5.92 -14.78
N TYR B 190 -9.91 -4.65 -15.10
CA TYR B 190 -9.15 -3.74 -14.25
C TYR B 190 -9.65 -2.33 -14.32
N VAL B 191 -9.65 -1.61 -13.19
CA VAL B 191 -10.06 -0.24 -13.12
C VAL B 191 -9.09 0.44 -12.15
N HIS B 192 -8.48 1.52 -12.66
CA HIS B 192 -7.74 2.40 -11.71
C HIS B 192 -8.85 3.32 -11.17
N THR B 193 -9.30 3.04 -9.92
CA THR B 193 -10.40 3.85 -9.40
C THR B 193 -9.97 5.14 -8.79
N GLY B 194 -10.92 5.98 -8.38
CA GLY B 194 -10.72 7.12 -7.53
C GLY B 194 -11.23 8.42 -8.14
N ALA B 195 -11.29 9.47 -7.38
CA ALA B 195 -11.69 10.79 -7.74
C ALA B 195 -10.42 11.61 -8.07
N TYR B 196 -10.29 12.16 -9.28
CA TYR B 196 -9.12 13.01 -9.62
C TYR B 196 -9.65 14.40 -9.98
N PRO B 197 -8.92 15.43 -9.68
CA PRO B 197 -9.34 16.80 -9.91
C PRO B 197 -9.37 17.26 -11.33
N ASP B 198 -10.28 18.17 -11.71
CA ASP B 198 -10.26 18.67 -13.10
C ASP B 198 -9.58 20.04 -13.01
N ARG B 199 -8.24 20.04 -13.26
CA ARG B 199 -7.45 21.20 -12.91
C ARG B 199 -7.53 22.27 -14.01
N GLN B 200 -7.28 23.49 -13.64
CA GLN B 200 -7.27 24.63 -14.56
C GLN B 200 -5.99 24.52 -15.42
N SER B 201 -6.11 24.93 -16.65
CA SER B 201 -4.97 25.01 -17.57
C SER B 201 -3.76 25.70 -16.96
N GLY B 202 -2.62 25.02 -17.13
CA GLY B 202 -1.37 25.62 -16.65
C GLY B 202 -1.02 25.28 -15.22
N HIS B 203 -1.81 24.43 -14.55
CA HIS B 203 -1.59 24.09 -13.17
C HIS B 203 -0.57 22.93 -13.22
N ASP B 204 0.60 23.05 -12.68
CA ASP B 204 1.54 21.89 -12.75
C ASP B 204 1.30 21.14 -11.46
N PRO B 205 0.81 19.93 -11.48
CA PRO B 205 0.37 19.23 -10.26
C PRO B 205 1.52 18.79 -9.40
N ARG B 206 2.79 19.15 -9.56
CA ARG B 206 3.89 18.73 -8.70
C ARG B 206 4.23 19.76 -7.71
N LEU B 207 3.62 20.97 -7.91
CA LEU B 207 4.00 22.06 -6.97
C LEU B 207 2.78 22.80 -6.43
N PRO B 208 2.87 23.56 -5.41
CA PRO B 208 1.74 24.27 -4.79
C PRO B 208 1.09 25.29 -5.71
N VAL B 209 -0.18 25.59 -5.52
CA VAL B 209 -0.87 26.66 -6.29
C VAL B 209 -1.43 27.64 -5.26
N PRO B 210 -1.55 28.89 -5.69
CA PRO B 210 -2.05 29.98 -4.86
C PRO B 210 -3.52 29.66 -4.54
N GLY B 211 -3.94 29.84 -3.30
CA GLY B 211 -5.33 29.53 -3.00
C GLY B 211 -6.31 30.71 -3.05
N THR B 212 -5.91 31.82 -3.68
CA THR B 212 -6.76 33.00 -3.71
C THR B 212 -7.95 32.89 -4.63
N GLY B 213 -8.08 31.86 -5.48
CA GLY B 213 -9.26 31.66 -6.27
C GLY B 213 -9.19 31.26 -7.69
N LYS B 214 -8.20 31.72 -8.43
CA LYS B 214 -8.05 31.46 -9.86
C LYS B 214 -7.56 30.07 -10.16
N TRP B 215 -6.83 29.47 -9.21
CA TRP B 215 -6.31 28.11 -9.45
C TRP B 215 -7.22 27.00 -8.92
N ASP B 216 -8.37 27.36 -8.33
CA ASP B 216 -9.22 26.35 -7.71
C ASP B 216 -9.58 25.30 -8.73
N TRP B 217 -9.63 24.01 -8.33
CA TRP B 217 -10.08 22.97 -9.23
C TRP B 217 -11.44 23.33 -9.84
N LYS B 218 -11.75 22.82 -11.01
CA LYS B 218 -13.03 23.07 -11.64
C LYS B 218 -14.09 22.08 -11.13
N GLY B 219 -13.63 20.92 -10.69
CA GLY B 219 -14.52 19.84 -10.28
C GLY B 219 -13.71 18.55 -10.26
N LEU B 220 -14.37 17.45 -10.60
CA LEU B 220 -13.71 16.15 -10.53
C LEU B 220 -13.86 15.57 -11.92
N LEU B 221 -12.91 14.85 -12.45
CA LEU B 221 -13.05 14.31 -13.79
C LEU B 221 -14.02 13.15 -13.68
N PRO B 222 -14.71 12.88 -14.75
CA PRO B 222 -15.69 11.81 -14.80
C PRO B 222 -14.98 10.47 -14.67
N PHE B 223 -15.79 9.49 -14.27
CA PHE B 223 -15.37 8.10 -14.26
C PHE B 223 -14.97 7.61 -15.63
N GLU B 224 -15.48 8.17 -16.72
CA GLU B 224 -15.08 7.72 -18.05
C GLU B 224 -13.54 7.94 -18.24
N MET B 225 -12.93 8.92 -17.65
CA MET B 225 -11.52 9.18 -17.80
C MET B 225 -10.65 8.17 -16.99
N ASN B 226 -11.20 7.45 -16.02
CA ASN B 226 -10.36 6.52 -15.25
C ASN B 226 -9.84 5.42 -16.16
N PRO B 227 -8.52 5.15 -16.19
CA PRO B 227 -7.96 4.03 -16.91
C PRO B 227 -8.71 2.75 -16.51
N LYS B 228 -9.03 1.92 -17.47
CA LYS B 228 -9.77 0.71 -17.23
C LYS B 228 -9.65 -0.18 -18.43
N VAL B 229 -9.66 -1.49 -18.31
CA VAL B 229 -9.63 -2.38 -19.47
C VAL B 229 -10.45 -3.61 -19.10
N TYR B 230 -11.06 -4.18 -20.13
CA TYR B 230 -11.85 -5.39 -19.87
C TYR B 230 -11.46 -6.41 -20.90
N ASN B 231 -11.15 -7.63 -20.42
CA ASN B 231 -10.71 -8.64 -21.40
C ASN B 231 -9.66 -8.10 -22.36
N PRO B 232 -8.49 -7.69 -21.86
CA PRO B 232 -7.35 -7.21 -22.68
C PRO B 232 -6.86 -8.21 -23.71
N GLN B 233 -6.35 -7.79 -24.87
CA GLN B 233 -5.85 -8.70 -25.93
C GLN B 233 -4.75 -9.62 -25.40
N SER B 234 -3.91 -9.23 -24.44
CA SER B 234 -2.90 -10.14 -23.92
C SER B 234 -3.42 -11.37 -23.21
N GLY B 235 -4.60 -11.30 -22.57
CA GLY B 235 -5.04 -12.45 -21.81
C GLY B 235 -4.64 -12.31 -20.36
N TYR B 236 -4.06 -11.18 -19.95
CA TYR B 236 -3.72 -11.13 -18.51
C TYR B 236 -3.58 -9.68 -18.10
N ILE B 237 -3.60 -9.42 -16.82
CA ILE B 237 -3.46 -8.15 -16.15
C ILE B 237 -2.42 -8.35 -15.05
N ALA B 238 -1.35 -7.54 -15.03
CA ALA B 238 -0.32 -7.64 -13.99
C ALA B 238 -0.02 -6.26 -13.48
N ASN B 239 0.23 -6.10 -12.19
CA ASN B 239 0.52 -4.78 -11.68
C ASN B 239 1.44 -4.95 -10.47
N TRP B 240 2.35 -4.01 -10.23
CA TRP B 240 3.16 -4.06 -9.00
C TRP B 240 3.29 -2.63 -8.62
N ASN B 241 2.16 -1.90 -8.66
CA ASN B 241 2.07 -0.47 -8.34
C ASN B 241 2.85 0.37 -9.44
N ASN B 242 2.86 -0.12 -10.63
CA ASN B 242 3.36 0.54 -11.82
C ASN B 242 2.20 1.33 -12.44
N SER B 243 2.53 2.10 -13.47
CA SER B 243 1.60 2.94 -14.16
C SER B 243 0.43 2.16 -14.79
N PRO B 244 -0.77 2.74 -14.64
CA PRO B 244 -1.96 2.05 -15.17
C PRO B 244 -1.98 2.00 -16.67
N GLN B 245 -1.50 3.11 -17.31
CA GLN B 245 -1.71 3.35 -18.71
C GLN B 245 -0.76 4.43 -19.27
N LYS B 246 -0.53 4.35 -20.58
CA LYS B 246 0.41 5.31 -21.20
C LYS B 246 -0.04 6.73 -21.01
N ASP B 247 0.85 7.63 -20.57
CA ASP B 247 0.67 9.03 -20.33
C ASP B 247 -0.09 9.33 -19.04
N TYR B 248 -0.33 8.34 -18.18
CA TYR B 248 -0.97 8.74 -16.91
C TYR B 248 0.03 9.22 -15.92
N PRO B 249 -0.11 10.35 -15.25
CA PRO B 249 0.80 10.92 -14.32
C PRO B 249 0.65 10.27 -12.94
N ALA B 250 1.73 10.10 -12.24
CA ALA B 250 1.89 9.47 -10.96
C ALA B 250 1.77 10.53 -9.90
N SER B 251 1.60 10.06 -8.67
CA SER B 251 1.60 10.83 -7.47
C SER B 251 2.72 11.89 -7.62
N ASP B 252 2.63 13.02 -6.96
CA ASP B 252 3.72 14.03 -7.02
C ASP B 252 4.87 13.74 -6.04
N LEU B 253 4.86 12.67 -5.23
CA LEU B 253 5.96 12.39 -4.34
C LEU B 253 7.33 12.45 -5.08
N PHE B 254 8.31 13.09 -4.49
CA PHE B 254 9.63 13.22 -5.14
C PHE B 254 10.27 11.82 -5.15
N ALA B 255 10.02 10.92 -4.20
CA ALA B 255 10.56 9.57 -4.27
C ALA B 255 9.75 8.63 -5.12
N PHE B 256 8.76 9.07 -5.89
CA PHE B 256 7.95 8.08 -6.62
C PHE B 256 7.99 8.33 -8.08
N LEU B 257 8.38 7.35 -8.90
CA LEU B 257 8.40 7.61 -10.34
C LEU B 257 7.97 6.37 -11.05
N TRP B 258 7.40 6.52 -12.23
CA TRP B 258 7.06 5.45 -13.15
C TRP B 258 7.96 5.72 -14.39
N GLY B 259 8.96 4.89 -14.59
CA GLY B 259 9.99 5.13 -15.61
C GLY B 259 10.20 3.85 -16.37
N GLY B 260 11.27 3.84 -17.21
CA GLY B 260 11.50 2.60 -17.98
C GLY B 260 11.96 1.47 -17.09
N ALA B 261 12.58 1.72 -15.96
CA ALA B 261 12.97 0.68 -15.03
C ALA B 261 11.73 0.51 -14.06
N ASP B 262 11.14 -0.63 -13.97
CA ASP B 262 9.94 -0.86 -13.12
C ASP B 262 9.89 -2.32 -12.74
N ARG B 263 9.59 -2.71 -11.50
CA ARG B 263 9.60 -4.12 -11.14
C ARG B 263 8.45 -4.97 -11.65
N VAL B 264 7.44 -4.35 -12.30
CA VAL B 264 6.40 -5.21 -12.86
C VAL B 264 6.95 -6.02 -14.00
N THR B 265 8.03 -5.49 -14.72
CA THR B 265 8.49 -6.31 -15.84
C THR B 265 8.92 -7.71 -15.41
N GLU B 266 9.34 -7.88 -14.15
CA GLU B 266 9.68 -9.23 -13.68
C GLU B 266 8.46 -10.13 -13.71
N ILE B 267 7.25 -9.58 -13.46
CA ILE B 267 6.06 -10.49 -13.48
C ILE B 267 5.69 -10.72 -14.94
N ASP B 268 5.74 -9.65 -15.73
CA ASP B 268 5.46 -9.84 -17.16
C ASP B 268 6.33 -10.93 -17.78
N ARG B 269 7.67 -10.88 -17.53
CA ARG B 269 8.49 -11.93 -18.22
C ARG B 269 7.98 -13.34 -17.84
N LEU B 270 7.64 -13.57 -16.58
CA LEU B 270 7.17 -14.92 -16.26
C LEU B 270 5.84 -15.25 -16.90
N LEU B 271 4.91 -14.29 -17.05
CA LEU B 271 3.64 -14.71 -17.64
C LEU B 271 3.78 -14.81 -19.15
N GLU B 272 4.66 -14.04 -19.76
CA GLU B 272 4.85 -14.18 -21.21
C GLU B 272 5.66 -15.41 -21.58
N GLN B 273 6.41 -15.95 -20.64
CA GLN B 273 7.23 -17.12 -20.89
C GLN B 273 6.49 -18.39 -21.29
N LYS B 274 5.26 -18.56 -20.85
CA LYS B 274 4.47 -19.74 -21.08
C LYS B 274 3.17 -19.35 -21.74
N PRO B 275 2.83 -20.06 -22.80
CA PRO B 275 1.58 -19.85 -23.53
C PRO B 275 0.38 -19.99 -22.59
N ARG B 276 0.32 -20.99 -21.71
CA ARG B 276 -0.77 -21.04 -20.74
C ARG B 276 -0.19 -21.35 -19.38
N LEU B 277 -0.91 -21.04 -18.31
CA LEU B 277 -0.49 -21.39 -16.97
C LEU B 277 -1.58 -22.15 -16.19
N THR B 278 -1.21 -23.05 -15.30
CA THR B 278 -2.17 -23.69 -14.40
C THR B 278 -2.19 -22.87 -13.12
N ALA B 279 -3.10 -23.19 -12.25
CA ALA B 279 -3.19 -22.57 -10.92
C ALA B 279 -1.89 -22.75 -10.16
N ASP B 280 -1.34 -23.96 -10.15
CA ASP B 280 -0.07 -24.21 -9.45
C ASP B 280 1.09 -23.39 -10.05
N GLN B 281 1.10 -23.21 -11.35
CA GLN B 281 2.06 -22.33 -12.00
C GLN B 281 1.77 -20.87 -11.69
N ALA B 282 0.51 -20.46 -11.54
CA ALA B 282 0.22 -19.08 -11.18
C ALA B 282 0.66 -18.83 -9.76
N TRP B 283 0.49 -19.82 -8.87
CA TRP B 283 0.91 -19.61 -7.49
C TRP B 283 2.44 -19.58 -7.40
N ASP B 284 3.15 -20.27 -8.27
CA ASP B 284 4.61 -20.39 -8.19
C ASP B 284 5.31 -19.12 -8.66
N VAL B 285 4.56 -18.21 -9.31
CA VAL B 285 5.06 -16.86 -9.59
C VAL B 285 5.30 -16.10 -8.30
N ILE B 286 4.66 -16.48 -7.20
CA ILE B 286 4.90 -15.76 -5.92
C ILE B 286 6.35 -16.06 -5.50
N ARG B 287 6.67 -17.32 -5.40
CA ARG B 287 7.99 -17.80 -4.99
C ARG B 287 9.13 -17.19 -5.93
N GLN B 288 8.99 -17.19 -7.21
CA GLN B 288 10.05 -16.58 -8.02
C GLN B 288 10.25 -15.10 -7.80
N THR B 289 9.18 -14.31 -7.91
CA THR B 289 9.28 -12.87 -7.69
C THR B 289 9.63 -12.56 -6.28
N SER B 290 9.23 -13.25 -5.21
CA SER B 290 9.72 -13.00 -3.88
C SER B 290 11.26 -12.93 -3.73
N ARG B 291 11.94 -13.78 -4.49
CA ARG B 291 13.39 -13.96 -4.28
C ARG B 291 14.24 -13.27 -5.37
N GLN B 292 13.63 -12.58 -6.31
CA GLN B 292 14.30 -12.01 -7.47
C GLN B 292 14.97 -10.69 -7.20
N ASP B 293 16.28 -10.54 -7.48
CA ASP B 293 16.95 -9.21 -7.26
C ASP B 293 16.33 -8.31 -8.32
N LEU B 294 15.90 -7.10 -8.04
CA LEU B 294 15.28 -6.22 -9.02
C LEU B 294 16.24 -5.31 -9.83
N ASN B 295 17.51 -5.21 -9.46
CA ASN B 295 18.43 -4.36 -10.24
C ASN B 295 19.32 -5.13 -11.20
N LEU B 296 19.45 -6.45 -11.07
CA LEU B 296 20.32 -7.15 -12.03
C LEU B 296 20.02 -6.92 -13.48
N ARG B 297 18.75 -7.20 -13.87
CA ARG B 297 18.24 -7.00 -15.19
C ARG B 297 18.56 -5.60 -15.70
N LEU B 298 18.42 -4.57 -14.90
CA LEU B 298 18.51 -3.20 -15.27
C LEU B 298 19.96 -2.80 -15.70
N PHE B 299 20.94 -3.27 -14.95
CA PHE B 299 22.28 -2.69 -15.11
C PHE B 299 23.30 -3.75 -15.55
N LEU B 300 22.92 -4.99 -15.74
CA LEU B 300 23.88 -6.01 -16.17
C LEU B 300 24.46 -5.73 -17.58
N PRO B 301 23.70 -5.35 -18.57
CA PRO B 301 24.22 -4.86 -19.83
C PRO B 301 25.23 -3.73 -19.73
N THR B 302 25.06 -2.73 -18.88
CA THR B 302 26.00 -1.60 -18.70
C THR B 302 27.34 -2.07 -18.09
N LEU B 303 27.26 -3.02 -17.19
CA LEU B 303 28.40 -3.66 -16.55
C LEU B 303 29.20 -4.47 -17.57
N GLN B 304 28.56 -5.26 -18.40
CA GLN B 304 29.13 -6.16 -19.36
C GLN B 304 29.88 -5.38 -20.44
N ALA B 305 29.25 -4.34 -20.96
CA ALA B 305 29.83 -3.44 -21.93
C ALA B 305 31.07 -2.74 -21.38
N ALA B 306 31.05 -2.29 -20.15
CA ALA B 306 32.15 -1.61 -19.56
C ALA B 306 33.42 -2.48 -19.36
N THR B 307 33.33 -3.71 -18.98
CA THR B 307 34.37 -4.60 -18.56
C THR B 307 34.70 -5.54 -19.72
N SER B 308 34.12 -5.33 -20.90
CA SER B 308 34.37 -6.23 -22.02
C SER B 308 35.83 -6.23 -22.53
N GLY B 309 36.56 -5.15 -22.38
CA GLY B 309 37.92 -5.11 -22.89
C GLY B 309 38.95 -5.34 -21.77
N LEU B 310 38.47 -5.82 -20.62
CA LEU B 310 39.36 -6.00 -19.49
C LEU B 310 39.92 -7.42 -19.51
N THR B 311 41.06 -7.57 -18.86
CA THR B 311 41.64 -8.91 -18.81
C THR B 311 40.93 -9.65 -17.68
N GLN B 312 40.99 -10.95 -17.79
CA GLN B 312 40.53 -11.92 -16.80
C GLN B 312 41.09 -11.74 -15.42
N SER B 313 42.32 -11.24 -15.22
CA SER B 313 42.80 -11.10 -13.85
C SER B 313 42.34 -9.76 -13.30
N ASP B 314 41.65 -8.90 -14.06
CA ASP B 314 41.21 -7.63 -13.46
C ASP B 314 39.95 -8.00 -12.63
N PRO B 315 40.01 -7.72 -11.37
CA PRO B 315 38.96 -8.05 -10.41
C PRO B 315 37.61 -7.37 -10.69
N ARG B 316 37.61 -6.24 -11.39
CA ARG B 316 36.43 -5.52 -11.84
C ARG B 316 35.67 -6.38 -12.82
N ARG B 317 36.46 -7.10 -13.65
CA ARG B 317 35.87 -8.01 -14.60
C ARG B 317 35.31 -9.27 -13.93
N GLN B 318 36.02 -9.82 -12.96
CA GLN B 318 35.60 -11.02 -12.26
C GLN B 318 34.23 -10.82 -11.59
N LEU B 319 34.05 -9.70 -10.95
CA LEU B 319 32.80 -9.25 -10.36
C LEU B 319 31.66 -9.26 -11.40
N VAL B 320 31.88 -8.83 -12.63
CA VAL B 320 30.83 -8.87 -13.67
C VAL B 320 30.64 -10.28 -14.19
N GLU B 321 31.68 -11.13 -14.19
CA GLU B 321 31.46 -12.50 -14.67
C GLU B 321 30.65 -13.28 -13.60
N THR B 322 30.88 -13.08 -12.34
CA THR B 322 30.02 -13.65 -11.29
C THR B 322 28.54 -13.30 -11.51
N LEU B 323 28.20 -12.06 -11.82
CA LEU B 323 26.88 -11.55 -12.04
C LEU B 323 26.31 -12.17 -13.27
N THR B 324 27.12 -12.43 -14.30
CA THR B 324 26.62 -12.96 -15.56
C THR B 324 26.24 -14.41 -15.44
N ARG B 325 26.86 -15.17 -14.52
CA ARG B 325 26.52 -16.55 -14.35
C ARG B 325 25.27 -16.66 -13.45
N TRP B 326 24.69 -15.61 -12.90
CA TRP B 326 23.66 -15.70 -11.85
C TRP B 326 22.29 -15.47 -12.47
N ASP B 327 21.23 -16.05 -11.93
CA ASP B 327 19.91 -15.75 -12.57
C ASP B 327 19.21 -14.66 -11.76
N GLY B 328 19.89 -14.22 -10.69
CA GLY B 328 19.34 -13.20 -9.83
C GLY B 328 18.32 -13.72 -8.79
N ILE B 329 18.12 -15.03 -8.67
CA ILE B 329 17.22 -15.53 -7.63
C ILE B 329 18.03 -15.75 -6.35
N ASN B 330 17.75 -15.15 -5.22
CA ASN B 330 18.46 -15.33 -4.00
C ASN B 330 17.96 -16.59 -3.31
N LEU B 331 18.85 -17.38 -2.71
CA LEU B 331 18.49 -18.61 -2.01
C LEU B 331 19.28 -18.71 -0.75
N LEU B 332 18.74 -19.07 0.41
CA LEU B 332 19.55 -19.10 1.62
C LEU B 332 20.54 -20.30 1.62
N ASN B 333 21.67 -20.14 2.29
CA ASN B 333 22.56 -21.30 2.45
C ASN B 333 21.91 -22.18 3.52
N ASP B 334 22.57 -23.30 3.87
CA ASP B 334 22.05 -24.18 4.93
C ASP B 334 22.21 -23.59 6.32
N ASP B 335 22.98 -22.54 6.52
CA ASP B 335 23.11 -21.88 7.77
C ASP B 335 21.88 -21.04 8.12
N GLY B 336 20.95 -20.80 7.17
CA GLY B 336 19.82 -19.94 7.53
C GLY B 336 20.22 -18.50 7.66
N LYS B 337 21.41 -18.03 7.19
CA LYS B 337 21.63 -16.60 7.30
C LYS B 337 22.38 -15.92 6.17
N THR B 338 23.00 -16.64 5.25
CA THR B 338 23.74 -15.93 4.20
C THR B 338 23.18 -16.44 2.88
N TRP B 339 23.30 -15.61 1.88
CA TRP B 339 22.82 -16.07 0.57
C TRP B 339 23.88 -16.87 -0.17
N GLN B 340 23.49 -17.75 -1.06
CA GLN B 340 24.30 -18.64 -1.80
C GLN B 340 25.17 -17.81 -2.76
N GLN B 341 24.75 -16.70 -3.33
CA GLN B 341 25.57 -15.95 -4.29
C GLN B 341 25.70 -14.53 -3.88
N PRO B 342 26.81 -13.81 -4.10
CA PRO B 342 27.03 -12.49 -3.59
C PRO B 342 26.49 -11.35 -4.46
N GLY B 343 25.75 -11.63 -5.48
CA GLY B 343 25.26 -10.69 -6.47
C GLY B 343 24.57 -9.49 -5.92
N SER B 344 23.67 -9.64 -4.89
CA SER B 344 22.95 -8.46 -4.41
C SER B 344 23.95 -7.60 -3.68
N ALA B 345 24.88 -8.11 -2.90
CA ALA B 345 25.81 -7.26 -2.19
C ALA B 345 26.70 -6.44 -3.17
N ILE B 346 27.07 -7.04 -4.29
CA ILE B 346 27.86 -6.37 -5.32
C ILE B 346 27.09 -5.24 -5.96
N LEU B 347 25.84 -5.59 -6.36
CA LEU B 347 24.96 -4.53 -6.94
C LEU B 347 24.68 -3.43 -5.95
N ASN B 348 24.55 -3.78 -4.68
CA ASN B 348 24.31 -2.72 -3.70
C ASN B 348 25.52 -1.79 -3.67
N VAL B 349 26.70 -2.36 -3.41
CA VAL B 349 27.90 -1.48 -3.33
C VAL B 349 28.18 -0.68 -4.60
N TRP B 350 28.02 -1.27 -5.77
CA TRP B 350 28.25 -0.60 -7.03
C TRP B 350 27.28 0.57 -7.21
N LEU B 351 26.00 0.26 -6.96
CA LEU B 351 24.91 1.26 -7.17
C LEU B 351 25.06 2.37 -6.20
N THR B 352 25.46 2.12 -4.95
CA THR B 352 25.67 3.26 -4.06
C THR B 352 26.75 4.19 -4.62
N SER B 353 27.82 3.57 -5.17
CA SER B 353 28.96 4.33 -5.66
C SER B 353 28.60 5.10 -6.91
N MET B 354 27.82 4.43 -7.79
CA MET B 354 27.35 5.09 -8.99
C MET B 354 26.47 6.29 -8.73
N LEU B 355 25.62 6.23 -7.71
CA LEU B 355 24.68 7.32 -7.45
C LEU B 355 25.44 8.49 -6.87
N LYS B 356 26.30 8.19 -5.93
CA LYS B 356 27.21 9.19 -5.31
C LYS B 356 28.08 9.86 -6.37
N ARG B 357 28.47 9.20 -7.47
CA ARG B 357 29.21 9.84 -8.55
C ARG B 357 28.35 10.62 -9.53
N THR B 358 27.03 10.28 -9.71
CA THR B 358 26.24 10.82 -10.77
C THR B 358 25.10 11.72 -10.29
N VAL B 359 23.92 11.14 -9.90
CA VAL B 359 22.79 11.94 -9.47
C VAL B 359 23.04 12.77 -8.26
N VAL B 360 23.59 12.18 -7.22
CA VAL B 360 23.88 12.88 -5.97
C VAL B 360 24.72 14.11 -6.21
N ALA B 361 25.76 14.01 -7.03
CA ALA B 361 26.64 15.10 -7.42
C ALA B 361 25.92 16.24 -8.12
N ALA B 362 24.89 16.01 -8.93
CA ALA B 362 24.19 17.08 -9.62
C ALA B 362 23.18 17.86 -8.79
N VAL B 363 22.76 17.38 -7.63
CA VAL B 363 21.77 18.00 -6.82
C VAL B 363 22.33 18.64 -5.58
N PRO B 364 21.90 19.89 -5.33
CA PRO B 364 22.32 20.66 -4.18
C PRO B 364 21.97 19.99 -2.87
N MET B 365 22.83 20.11 -1.87
CA MET B 365 22.49 19.66 -0.52
C MET B 365 21.44 20.65 0.00
N PRO B 366 20.52 20.10 0.77
CA PRO B 366 20.55 18.77 1.33
C PRO B 366 19.64 17.78 0.62
N PHE B 367 19.22 18.12 -0.57
CA PHE B 367 18.37 17.35 -1.43
C PHE B 367 19.09 16.19 -2.09
N ASP B 368 20.42 16.25 -2.07
CA ASP B 368 21.17 15.08 -2.57
C ASP B 368 20.88 13.83 -1.78
N LYS B 369 20.65 13.79 -0.48
CA LYS B 369 20.33 12.59 0.28
C LYS B 369 19.00 11.93 -0.16
N TRP B 370 18.17 12.64 -0.93
CA TRP B 370 16.99 11.99 -1.50
C TRP B 370 17.36 11.02 -2.59
N TYR B 371 18.56 11.11 -3.22
CA TYR B 371 18.78 10.25 -4.38
C TYR B 371 19.93 9.30 -4.13
N SER B 372 20.44 9.20 -2.93
CA SER B 372 21.57 8.28 -2.71
C SER B 372 21.26 6.85 -2.36
N ALA B 373 19.99 6.44 -2.11
CA ALA B 373 19.76 5.08 -1.59
C ALA B 373 19.82 4.11 -2.73
N SER B 374 20.39 2.94 -2.47
CA SER B 374 20.51 1.94 -3.51
C SER B 374 19.27 1.03 -3.61
N GLY B 375 18.48 1.02 -2.58
CA GLY B 375 17.25 0.22 -2.57
C GLY B 375 17.46 -1.02 -1.73
N TYR B 376 18.65 -1.24 -1.16
CA TYR B 376 18.89 -2.49 -0.45
C TYR B 376 18.97 -2.21 1.06
N GLU B 377 18.75 -0.98 1.42
CA GLU B 377 18.89 -0.58 2.82
C GLU B 377 17.95 -1.33 3.72
N THR B 378 18.43 -2.02 4.77
CA THR B 378 17.53 -2.62 5.73
C THR B 378 18.21 -2.57 7.11
N THR B 379 17.56 -3.13 8.14
CA THR B 379 18.22 -3.35 9.41
C THR B 379 18.19 -4.85 9.75
N GLN B 380 18.55 -5.22 10.97
CA GLN B 380 18.56 -6.64 11.34
C GLN B 380 17.19 -7.31 11.28
N ASP B 381 16.12 -6.61 11.64
CA ASP B 381 14.75 -7.10 11.48
C ASP B 381 14.34 -7.27 10.05
N GLY B 382 15.07 -6.66 9.09
CA GLY B 382 14.74 -6.86 7.66
C GLY B 382 13.91 -5.68 7.16
N PRO B 383 13.62 -5.63 5.87
CA PRO B 383 12.84 -4.57 5.27
C PRO B 383 11.48 -4.43 5.96
N THR B 384 10.90 -3.26 6.03
CA THR B 384 9.56 -3.11 6.61
C THR B 384 8.49 -3.24 5.54
N GLY B 385 8.86 -3.20 4.27
CA GLY B 385 7.93 -3.27 3.15
C GLY B 385 8.49 -4.12 2.01
N SER B 386 7.97 -3.90 0.81
CA SER B 386 8.40 -4.57 -0.36
C SER B 386 9.80 -3.97 -0.75
N LEU B 387 10.58 -4.75 -1.45
CA LEU B 387 11.75 -4.14 -2.17
C LEU B 387 11.28 -3.52 -3.46
N ASN B 388 11.98 -2.42 -3.86
CA ASN B 388 11.71 -1.80 -5.17
C ASN B 388 13.04 -1.30 -5.77
N ILE B 389 12.98 -0.73 -6.94
CA ILE B 389 14.10 -0.02 -7.58
C ILE B 389 14.13 1.37 -6.98
N SER B 390 15.17 1.86 -6.39
CA SER B 390 15.19 3.23 -5.81
C SER B 390 15.01 4.39 -6.77
N VAL B 391 14.49 5.54 -6.33
CA VAL B 391 14.31 6.63 -7.28
C VAL B 391 15.64 7.01 -8.04
N GLY B 392 16.72 7.06 -7.29
CA GLY B 392 18.07 7.38 -7.83
C GLY B 392 18.41 6.33 -8.86
N ALA B 393 18.08 5.04 -8.58
CA ALA B 393 18.32 4.04 -9.60
C ALA B 393 17.48 4.26 -10.84
N LYS B 394 16.21 4.72 -10.66
CA LYS B 394 15.39 4.92 -11.88
C LYS B 394 15.94 6.09 -12.75
N ILE B 395 16.43 7.12 -12.10
CA ILE B 395 16.95 8.31 -12.78
C ILE B 395 18.29 7.90 -13.46
N LEU B 396 19.09 7.06 -12.78
CA LEU B 396 20.38 6.58 -13.33
C LEU B 396 20.12 5.71 -14.52
N TYR B 397 19.01 4.96 -14.53
CA TYR B 397 18.68 4.11 -15.65
C TYR B 397 18.36 4.91 -16.89
N GLU B 398 17.63 6.03 -16.73
CA GLU B 398 17.35 6.85 -17.91
C GLU B 398 18.71 7.38 -18.48
N ALA B 399 19.62 7.85 -17.66
CA ALA B 399 20.93 8.40 -18.04
C ALA B 399 21.82 7.34 -18.74
N VAL B 400 21.81 6.07 -18.32
CA VAL B 400 22.55 5.05 -19.04
C VAL B 400 21.83 4.60 -20.31
N GLN B 401 20.59 5.00 -20.57
CA GLN B 401 19.96 4.67 -21.83
C GLN B 401 20.37 5.63 -22.93
N GLY B 402 20.94 6.75 -22.61
CA GLY B 402 21.38 7.67 -23.64
C GLY B 402 20.27 8.33 -24.41
N ASP B 403 20.32 8.51 -25.72
CA ASP B 403 19.20 9.18 -26.39
C ASP B 403 18.07 8.18 -26.67
N LYS B 404 18.15 6.98 -26.13
CA LYS B 404 17.11 5.98 -26.12
C LYS B 404 16.04 6.35 -25.06
N SER B 405 16.40 7.12 -24.05
CA SER B 405 15.45 7.57 -23.04
C SER B 405 14.69 8.77 -23.63
N PRO B 406 13.39 8.79 -23.42
CA PRO B 406 12.55 9.93 -23.74
C PRO B 406 12.74 11.10 -22.82
N ILE B 407 13.43 11.02 -21.69
CA ILE B 407 13.59 12.14 -20.78
C ILE B 407 14.84 12.92 -21.19
N PRO B 408 14.68 14.20 -21.44
CA PRO B 408 15.80 15.08 -21.86
C PRO B 408 16.82 15.24 -20.78
N GLN B 409 18.10 15.00 -21.07
CA GLN B 409 19.15 15.08 -20.05
C GLN B 409 19.65 16.52 -19.97
N ALA B 410 18.91 17.38 -19.29
CA ALA B 410 19.27 18.77 -19.08
C ALA B 410 20.68 18.87 -18.49
N VAL B 411 21.04 18.11 -17.47
CA VAL B 411 22.41 18.07 -17.01
C VAL B 411 22.88 16.65 -17.45
N ASP B 412 24.18 16.63 -17.75
CA ASP B 412 24.85 15.37 -18.01
C ASP B 412 25.30 14.91 -16.64
N LEU B 413 24.77 13.68 -16.31
CA LEU B 413 25.00 13.13 -14.98
C LEU B 413 26.40 12.55 -14.85
N PHE B 414 26.99 12.19 -16.06
CA PHE B 414 28.34 11.66 -16.10
C PHE B 414 29.39 12.75 -16.20
N ALA B 415 29.02 13.98 -16.07
CA ALA B 415 29.76 15.21 -16.08
C ALA B 415 30.94 15.24 -17.07
N GLY B 416 30.73 14.96 -18.33
CA GLY B 416 31.76 14.99 -19.35
C GLY B 416 32.57 13.71 -19.48
N LYS B 417 32.52 12.79 -18.51
CA LYS B 417 33.27 11.54 -18.67
C LYS B 417 32.46 10.51 -19.42
N PRO B 418 33.14 9.67 -20.17
CA PRO B 418 32.56 8.55 -20.88
C PRO B 418 31.84 7.68 -19.85
N GLN B 419 30.69 7.16 -20.05
CA GLN B 419 30.00 6.28 -19.12
C GLN B 419 30.85 5.18 -18.54
N GLN B 420 31.56 4.44 -19.41
CA GLN B 420 32.43 3.33 -19.03
C GLN B 420 33.44 3.70 -17.96
N GLU B 421 34.01 4.88 -18.04
CA GLU B 421 34.97 5.27 -17.01
C GLU B 421 34.30 5.37 -15.65
N VAL B 422 33.10 5.98 -15.60
CA VAL B 422 32.40 6.06 -14.30
C VAL B 422 31.97 4.65 -13.87
N VAL B 423 31.58 3.79 -14.79
CA VAL B 423 31.13 2.46 -14.39
C VAL B 423 32.31 1.69 -13.79
N LEU B 424 33.49 1.75 -14.44
CA LEU B 424 34.69 1.07 -13.93
C LEU B 424 35.19 1.63 -12.69
N ALA B 425 35.11 2.94 -12.46
CA ALA B 425 35.54 3.49 -11.20
C ALA B 425 34.68 2.99 -10.02
N ALA B 426 33.37 2.84 -10.23
CA ALA B 426 32.43 2.38 -9.16
C ALA B 426 32.75 0.90 -8.89
N LEU B 427 33.08 0.19 -9.95
CA LEU B 427 33.42 -1.24 -9.84
C LEU B 427 34.75 -1.42 -9.06
N GLU B 428 35.63 -0.43 -9.14
CA GLU B 428 36.88 -0.41 -8.37
C GLU B 428 36.55 -0.18 -6.92
N ASP B 429 35.63 0.73 -6.63
CA ASP B 429 35.16 0.95 -5.25
C ASP B 429 34.51 -0.32 -4.66
N THR B 430 33.75 -1.00 -5.49
CA THR B 430 33.03 -2.20 -5.00
C THR B 430 33.99 -3.31 -4.66
N TRP B 431 34.98 -3.51 -5.57
CA TRP B 431 36.01 -4.53 -5.24
C TRP B 431 36.78 -4.17 -4.00
N GLU B 432 37.14 -2.90 -3.78
CA GLU B 432 37.88 -2.49 -2.59
C GLU B 432 37.14 -2.74 -1.28
N THR B 433 35.86 -2.31 -1.24
CA THR B 433 35.01 -2.54 -0.09
C THR B 433 34.76 -4.00 0.14
N LEU B 434 34.32 -4.77 -0.87
CA LEU B 434 33.96 -6.14 -0.60
C LEU B 434 35.13 -7.04 -0.26
N SER B 435 36.23 -6.99 -1.02
CA SER B 435 37.40 -7.86 -0.83
C SER B 435 38.07 -7.60 0.50
N LYS B 436 37.97 -6.42 1.04
CA LYS B 436 38.53 -6.11 2.34
C LYS B 436 37.78 -6.88 3.43
N ARG B 437 36.45 -7.00 3.30
CA ARG B 437 35.72 -7.65 4.39
C ARG B 437 35.67 -9.15 4.18
N TYR B 438 35.58 -9.63 2.93
CA TYR B 438 35.50 -11.05 2.71
C TYR B 438 36.79 -11.68 2.22
N GLY B 439 37.74 -10.91 1.70
CA GLY B 439 38.92 -11.62 1.11
C GLY B 439 38.82 -11.54 -0.40
N ASN B 440 39.79 -12.16 -1.10
CA ASN B 440 39.92 -12.10 -2.53
C ASN B 440 39.31 -13.24 -3.30
N ASN B 441 38.96 -14.27 -2.57
CA ASN B 441 38.32 -15.40 -3.24
C ASN B 441 36.81 -15.20 -3.23
N VAL B 442 36.30 -14.76 -4.36
CA VAL B 442 34.90 -14.47 -4.56
C VAL B 442 34.01 -15.68 -4.30
N SER B 443 34.48 -16.86 -4.69
CA SER B 443 33.69 -18.07 -4.51
C SER B 443 33.44 -18.43 -3.07
N ASN B 444 34.09 -17.88 -2.04
CA ASN B 444 33.68 -18.35 -0.72
C ASN B 444 33.00 -17.19 0.00
N TRP B 445 32.62 -16.14 -0.72
CA TRP B 445 32.00 -14.99 -0.07
C TRP B 445 30.60 -15.43 0.44
N LYS B 446 30.34 -15.28 1.71
CA LYS B 446 29.05 -15.71 2.30
C LYS B 446 28.42 -14.41 2.78
N THR B 447 27.59 -13.80 1.93
CA THR B 447 27.07 -12.48 2.26
C THR B 447 25.72 -12.62 3.02
N PRO B 448 25.38 -11.63 3.78
CA PRO B 448 24.26 -11.71 4.70
C PRO B 448 22.89 -11.62 4.00
N ALA B 449 22.02 -12.57 4.22
CA ALA B 449 20.66 -12.50 3.64
C ALA B 449 19.78 -11.55 4.40
N MET B 450 18.67 -11.08 3.80
CA MET B 450 17.73 -10.25 4.57
C MET B 450 16.77 -11.24 5.29
N ALA B 451 16.30 -10.89 6.46
CA ALA B 451 15.33 -11.67 7.21
C ALA B 451 13.94 -10.97 7.26
N LEU B 452 12.96 -11.68 7.85
CA LEU B 452 11.58 -11.05 7.86
C LEU B 452 11.01 -11.03 9.27
N THR B 453 10.47 -9.91 9.73
CA THR B 453 9.97 -9.81 11.10
C THR B 453 8.46 -9.48 11.11
N PHE B 454 7.65 -10.18 11.91
CA PHE B 454 6.21 -9.91 12.04
C PHE B 454 6.21 -9.05 13.31
N ARG B 455 6.11 -7.75 13.15
CA ARG B 455 6.23 -6.81 14.24
C ARG B 455 4.99 -6.74 15.16
N ALA B 456 5.22 -6.45 16.40
CA ALA B 456 4.16 -6.33 17.40
C ALA B 456 3.58 -4.91 17.41
N ASN B 457 4.33 -3.93 16.87
CA ASN B 457 3.87 -2.57 16.74
C ASN B 457 3.11 -2.38 15.42
N ASN B 458 2.00 -1.58 15.34
CA ASN B 458 1.38 -1.58 14.03
C ASN B 458 2.15 -0.57 13.17
N PHE B 459 1.65 -0.30 11.96
CA PHE B 459 2.31 0.54 11.02
C PHE B 459 2.53 1.92 11.53
N PHE B 460 1.70 2.40 12.45
CA PHE B 460 1.90 3.74 12.98
C PHE B 460 3.04 3.75 13.99
N GLY B 461 3.65 2.66 14.41
CA GLY B 461 4.65 2.74 15.48
C GLY B 461 4.00 2.35 16.83
N VAL B 462 2.68 2.13 16.90
CA VAL B 462 1.97 1.88 18.15
C VAL B 462 1.82 0.38 18.39
N PRO B 463 2.04 -0.08 19.60
CA PRO B 463 1.89 -1.45 20.01
C PRO B 463 0.46 -1.99 19.83
N GLN B 464 0.37 -3.15 19.23
CA GLN B 464 -0.91 -3.86 19.07
C GLN B 464 -0.72 -5.24 19.66
N ALA B 465 0.35 -5.53 20.40
CA ALA B 465 0.69 -6.85 20.91
C ALA B 465 1.89 -6.60 21.86
N ALA B 466 2.23 -7.56 22.71
CA ALA B 466 3.35 -7.34 23.61
C ALA B 466 4.63 -7.61 22.83
N ALA B 467 5.76 -7.03 23.27
CA ALA B 467 7.01 -7.10 22.47
C ALA B 467 7.41 -8.51 22.19
N GLU B 468 7.18 -9.44 23.15
CA GLU B 468 7.49 -10.84 22.92
C GLU B 468 6.65 -11.54 21.88
N GLU B 469 5.55 -10.92 21.41
CA GLU B 469 4.74 -11.60 20.40
C GLU B 469 5.33 -11.41 19.03
N THR B 470 6.44 -10.66 18.92
CA THR B 470 7.10 -10.54 17.61
C THR B 470 7.50 -11.88 17.04
N ARG B 471 7.33 -12.20 15.79
CA ARG B 471 7.72 -13.45 15.18
C ARG B 471 8.79 -13.11 14.12
N HIS B 472 9.73 -14.00 13.92
CA HIS B 472 10.88 -13.84 13.02
C HIS B 472 10.91 -15.00 12.04
N GLN B 473 11.17 -14.71 10.80
CA GLN B 473 11.34 -15.71 9.75
C GLN B 473 12.71 -15.43 9.08
N ALA B 474 13.45 -16.51 8.83
CA ALA B 474 14.83 -16.45 8.38
C ALA B 474 14.85 -15.92 6.99
N GLU B 475 14.03 -16.29 6.04
CA GLU B 475 14.01 -15.75 4.72
C GLU B 475 13.04 -14.58 4.48
N TYR B 476 13.61 -13.41 4.16
CA TYR B 476 12.91 -12.30 3.57
C TYR B 476 12.36 -12.68 2.20
N GLN B 477 11.05 -12.37 1.99
CA GLN B 477 10.39 -12.72 0.76
C GLN B 477 9.72 -11.45 0.27
N ASN B 478 9.94 -11.02 -0.95
CA ASN B 478 9.31 -9.80 -1.47
C ASN B 478 7.90 -10.13 -2.03
N ARG B 479 6.96 -10.32 -1.08
CA ARG B 479 5.66 -10.91 -1.41
C ARG B 479 4.55 -10.25 -0.60
N GLY B 480 3.28 -10.70 -0.89
CA GLY B 480 2.20 -10.05 -0.14
C GLY B 480 2.22 -10.46 1.32
N THR B 481 1.78 -9.55 2.18
CA THR B 481 1.55 -9.75 3.59
C THR B 481 0.56 -10.97 3.78
N GLU B 482 -0.34 -11.14 2.80
CA GLU B 482 -1.13 -12.35 2.71
C GLU B 482 -1.08 -12.69 1.24
N ASN B 483 -1.30 -13.92 0.78
CA ASN B 483 -1.50 -14.17 -0.63
C ASN B 483 -2.90 -14.91 -0.77
N ASP B 484 -3.56 -14.62 -1.88
CA ASP B 484 -4.86 -15.41 -1.99
C ASP B 484 -4.99 -15.69 -3.43
N MET B 485 -5.50 -16.87 -3.75
CA MET B 485 -5.66 -17.24 -5.15
C MET B 485 -7.13 -17.72 -5.34
N ILE B 486 -7.77 -17.30 -6.41
CA ILE B 486 -9.12 -17.80 -6.74
C ILE B 486 -9.06 -18.41 -8.10
N VAL B 487 -9.60 -19.60 -8.30
CA VAL B 487 -9.60 -20.27 -9.59
C VAL B 487 -11.05 -20.54 -10.06
N PHE B 488 -11.48 -19.99 -11.18
CA PHE B 488 -12.82 -20.16 -11.69
C PHE B 488 -12.90 -21.24 -12.77
N SER B 489 -13.97 -22.01 -12.68
CA SER B 489 -14.26 -23.17 -13.49
C SER B 489 -13.11 -24.15 -13.71
N PRO B 490 -12.64 -24.76 -12.64
CA PRO B 490 -11.54 -25.71 -12.70
C PRO B 490 -11.98 -26.93 -13.53
N THR B 491 -11.19 -27.44 -14.47
CA THR B 491 -11.59 -28.68 -15.13
C THR B 491 -11.37 -29.85 -14.16
N THR B 492 -10.55 -29.73 -13.15
CA THR B 492 -10.19 -30.74 -12.19
C THR B 492 -11.04 -30.89 -10.95
N SER B 493 -12.22 -30.32 -10.87
CA SER B 493 -13.11 -30.42 -9.71
C SER B 493 -14.52 -30.20 -10.24
N ASP B 494 -15.53 -30.49 -9.44
CA ASP B 494 -16.91 -30.29 -9.89
C ASP B 494 -17.43 -28.97 -9.33
N ARG B 495 -16.66 -28.38 -8.42
CA ARG B 495 -16.97 -27.05 -7.92
C ARG B 495 -16.63 -26.03 -9.00
N PRO B 496 -17.49 -25.03 -9.15
CA PRO B 496 -17.32 -23.91 -10.03
C PRO B 496 -16.17 -22.96 -9.66
N VAL B 497 -15.76 -22.91 -8.40
CA VAL B 497 -14.73 -22.00 -7.94
C VAL B 497 -13.86 -22.76 -6.94
N LEU B 498 -12.55 -22.48 -6.87
CA LEU B 498 -11.72 -22.97 -5.77
C LEU B 498 -10.93 -21.73 -5.29
N ALA B 499 -10.65 -21.59 -4.02
CA ALA B 499 -9.96 -20.38 -3.58
C ALA B 499 -9.06 -20.80 -2.45
N TRP B 500 -7.96 -20.12 -2.21
CA TRP B 500 -7.10 -20.40 -1.06
C TRP B 500 -6.53 -19.13 -0.48
N ASP B 501 -5.98 -19.11 0.74
CA ASP B 501 -5.29 -17.91 1.18
C ASP B 501 -4.35 -18.38 2.30
N VAL B 502 -3.75 -17.43 2.95
CA VAL B 502 -2.86 -17.70 4.06
C VAL B 502 -2.82 -16.44 4.83
N VAL B 503 -3.11 -16.48 6.11
CA VAL B 503 -3.24 -15.31 6.98
C VAL B 503 -2.41 -15.57 8.20
N ALA B 504 -1.15 -15.13 8.19
CA ALA B 504 -0.19 -15.47 9.24
C ALA B 504 0.02 -14.30 10.12
N PRO B 505 0.28 -14.49 11.39
CA PRO B 505 0.45 -15.80 11.99
C PRO B 505 -0.72 -16.72 12.14
N GLY B 506 -1.92 -16.11 12.31
CA GLY B 506 -3.13 -16.91 12.27
C GLY B 506 -4.42 -16.07 12.39
N GLN B 507 -5.58 -16.74 12.45
CA GLN B 507 -6.84 -16.00 12.50
C GLN B 507 -7.00 -15.24 13.80
N SER B 508 -6.57 -15.91 14.88
CA SER B 508 -6.77 -15.24 16.17
C SER B 508 -5.56 -14.60 16.78
N GLY B 509 -5.79 -13.56 17.55
CA GLY B 509 -4.74 -12.93 18.34
C GLY B 509 -4.94 -13.13 19.81
N PHE B 510 -5.89 -14.03 20.18
CA PHE B 510 -6.30 -13.99 21.61
C PHE B 510 -5.36 -14.77 22.51
N ILE B 511 -5.04 -14.21 23.64
CA ILE B 511 -4.27 -14.78 24.71
C ILE B 511 -5.13 -14.56 26.00
N ALA B 512 -5.49 -15.63 26.68
CA ALA B 512 -6.26 -15.54 27.92
C ALA B 512 -5.44 -14.84 28.96
N PRO B 513 -6.06 -14.41 30.05
CA PRO B 513 -5.41 -13.73 31.14
C PRO B 513 -4.41 -14.63 31.84
N ASP B 514 -4.53 -15.95 31.87
CA ASP B 514 -3.48 -16.82 32.39
C ASP B 514 -2.35 -17.09 31.39
N GLY B 515 -2.36 -16.50 30.20
CA GLY B 515 -1.28 -16.70 29.25
C GLY B 515 -1.46 -17.79 28.23
N THR B 516 -2.57 -18.50 28.31
CA THR B 516 -2.93 -19.52 27.37
C THR B 516 -3.26 -18.87 26.03
N VAL B 517 -2.61 -19.30 24.99
CA VAL B 517 -2.77 -18.75 23.67
C VAL B 517 -3.87 -19.49 22.90
N ASP B 518 -4.60 -18.75 22.08
CA ASP B 518 -5.68 -19.35 21.32
C ASP B 518 -5.03 -20.47 20.48
N LYS B 519 -5.88 -21.45 20.19
CA LYS B 519 -5.50 -22.50 19.29
C LYS B 519 -5.21 -22.00 17.88
N HIS B 520 -5.77 -20.86 17.44
CA HIS B 520 -5.52 -20.43 16.07
C HIS B 520 -4.63 -19.20 16.08
N TYR B 521 -3.75 -19.09 17.06
CA TYR B 521 -2.87 -17.99 17.23
C TYR B 521 -1.64 -18.06 16.30
N GLU B 522 -1.16 -19.22 15.93
CA GLU B 522 0.05 -19.26 15.08
C GLU B 522 0.09 -20.50 14.24
N ASP B 523 -1.06 -21.06 13.93
CA ASP B 523 -1.14 -22.20 13.05
C ASP B 523 -1.01 -21.84 11.60
N GLN B 524 -0.80 -20.61 11.12
CA GLN B 524 -0.55 -20.44 9.69
C GLN B 524 0.92 -19.97 9.48
N LEU B 525 1.63 -19.74 10.53
CA LEU B 525 3.02 -19.24 10.44
C LEU B 525 4.01 -20.05 9.63
N LYS B 526 4.09 -21.37 9.73
CA LYS B 526 4.95 -22.23 8.94
C LYS B 526 4.45 -22.42 7.55
N MET B 527 3.12 -22.32 7.42
CA MET B 527 2.55 -22.33 6.05
C MET B 527 3.00 -21.12 5.22
N TYR B 528 3.07 -19.96 5.83
CA TYR B 528 3.54 -18.74 5.14
C TYR B 528 4.99 -18.93 4.62
N GLU B 529 5.87 -19.23 5.56
CA GLU B 529 7.27 -19.51 5.22
C GLU B 529 7.47 -20.50 4.09
N ASN B 530 6.78 -21.64 3.98
CA ASN B 530 6.98 -22.55 2.91
C ASN B 530 6.13 -22.31 1.69
N PHE B 531 5.48 -21.13 1.53
CA PHE B 531 4.69 -20.92 0.32
C PHE B 531 3.45 -21.86 0.27
N GLY B 532 3.00 -22.30 1.43
CA GLY B 532 1.81 -23.15 1.43
C GLY B 532 0.55 -22.25 1.43
N ARG B 533 -0.64 -22.86 1.43
CA ARG B 533 -1.91 -22.16 1.49
C ARG B 533 -3.02 -23.08 2.05
N LYS B 534 -4.14 -22.57 2.48
CA LYS B 534 -5.29 -23.26 3.07
C LYS B 534 -6.51 -22.95 2.22
N SER B 535 -7.50 -23.86 2.17
CA SER B 535 -8.72 -23.67 1.37
C SER B 535 -9.64 -22.63 2.01
N LEU B 536 -10.32 -21.87 1.20
CA LEU B 536 -11.29 -20.87 1.66
C LEU B 536 -12.66 -21.50 1.25
N TRP B 537 -13.52 -21.63 2.24
CA TRP B 537 -14.83 -22.24 1.91
C TRP B 537 -15.90 -21.18 1.69
N LEU B 538 -16.82 -21.43 0.78
CA LEU B 538 -17.94 -20.63 0.41
C LEU B 538 -19.30 -21.36 0.70
N THR B 539 -19.57 -22.44 0.02
CA THR B 539 -20.86 -23.12 0.16
C THR B 539 -21.07 -23.79 1.51
N LYS B 540 -22.34 -23.85 1.89
CA LYS B 540 -22.84 -24.35 3.16
C LYS B 540 -22.36 -25.77 3.41
N GLN B 541 -22.44 -26.57 2.37
CA GLN B 541 -21.95 -27.95 2.54
C GLN B 541 -20.47 -27.96 2.88
N ASP B 542 -19.64 -27.15 2.18
CA ASP B 542 -18.21 -27.17 2.49
C ASP B 542 -17.99 -26.68 3.86
N VAL B 543 -18.69 -25.58 4.25
CA VAL B 543 -18.53 -25.03 5.57
C VAL B 543 -18.87 -26.08 6.64
N GLU B 544 -20.03 -26.72 6.51
CA GLU B 544 -20.44 -27.75 7.49
C GLU B 544 -19.44 -28.89 7.54
N ALA B 545 -18.95 -29.29 6.37
CA ALA B 545 -17.97 -30.37 6.26
C ALA B 545 -16.68 -30.06 6.96
N HIS B 546 -16.32 -28.79 7.11
CA HIS B 546 -15.07 -28.46 7.78
C HIS B 546 -15.26 -27.81 9.10
N LYS B 547 -16.49 -27.81 9.62
CA LYS B 547 -16.72 -27.08 10.89
C LYS B 547 -15.95 -27.65 12.03
N GLU B 548 -15.42 -26.80 12.86
CA GLU B 548 -14.73 -27.07 14.09
C GLU B 548 -15.63 -26.75 15.30
N SER B 549 -16.46 -25.73 15.14
CA SER B 549 -17.34 -25.30 16.21
C SER B 549 -18.48 -24.44 15.66
N GLN B 550 -19.45 -24.24 16.54
CA GLN B 550 -20.70 -23.54 16.21
C GLN B 550 -21.23 -22.79 17.41
N GLU B 551 -21.72 -21.59 17.20
CA GLU B 551 -22.27 -20.76 18.26
C GLU B 551 -23.52 -20.09 17.70
N VAL B 552 -24.65 -20.14 18.46
CA VAL B 552 -25.86 -19.53 17.89
C VAL B 552 -26.32 -18.42 18.82
N LEU B 553 -26.67 -17.27 18.26
CA LEU B 553 -27.11 -16.12 19.05
C LEU B 553 -28.58 -15.82 18.70
N HIS B 554 -29.29 -15.32 19.71
CA HIS B 554 -30.68 -14.88 19.44
C HIS B 554 -30.73 -13.42 19.83
N VAL B 555 -30.91 -12.48 18.87
CA VAL B 555 -30.84 -11.09 19.26
C VAL B 555 -31.91 -10.24 18.58
N GLN B 556 -32.43 -9.31 19.36
CA GLN B 556 -33.40 -8.35 18.84
C GLN B 556 -32.84 -6.93 18.88
N ARG B 557 -32.96 -6.22 17.76
CA ARG B 557 -32.46 -4.85 17.68
C ARG B 557 -33.38 -3.86 18.38
CA CA C . -0.37 17.14 -6.53
S1 SPA D . -3.84 -0.43 -0.74
S1 SPA D . -2.89 -3.15 -1.37
C2 SPA D . -2.55 -1.58 -0.78
C3 SPA D . -2.96 -2.81 -1.29
C3 SPA D . -3.65 -0.74 -0.86
C4 SPA D . -4.33 -2.81 -1.60
C4 SPA D . -4.77 -1.42 -1.38
C5 SPA D . -4.91 -1.60 -1.40
C5 SPA D . -4.53 -2.73 -1.66
C6 SPA D . -1.15 -1.26 -0.32
C7 SPA D . -0.33 -0.97 -1.62
O1 SPA D . -0.37 -1.53 -2.68
O2 SPA D . 0.66 -0.17 -1.22
#